data_7BRL
#
_entry.id   7BRL
#
_cell.length_a   100.273
_cell.length_b   100.273
_cell.length_c   270.415
_cell.angle_alpha   90.00
_cell.angle_beta   90.00
_cell.angle_gamma   120.00
#
_symmetry.space_group_name_H-M   'P 61'
#
loop_
_entity.id
_entity.type
_entity.pdbx_description
1 polymer 'Atrial natriuretic peptide receptor 1'
2 polymer 'Natriuretic peptides A'
3 branched alpha-D-mannopyranose-(1-4)-2-acetamido-2-deoxy-beta-D-glucopyranose-(1-4)-2-acetamido-2-deoxy-beta-D-glucopyranose
4 branched alpha-D-mannopyranose-(1-3)-alpha-D-mannopyranose-(1-4)-2-acetamido-2-deoxy-beta-D-glucopyranose-(1-4)-2-acetamido-2-deoxy-beta-D-glucopyranose
5 non-polymer 'CHLORIDE ION'
#
loop_
_entity_poly.entity_id
_entity_poly.type
_entity_poly.pdbx_seq_one_letter_code
_entity_poly.pdbx_strand_id
1 'polypeptide(L)'
;SDLTVAVVLPLTNTSYPWSWARVGPAVELALARVKARPDLLPGWTVRMVLGSSENAAGVCSDTAAPLAAVDLKWEHSPAV
FLGPGCVYSAAPVGRFTAHWRVPLLTAGAPALGIGVKDEYALTTRTGPSHVKLGDFVTALHRRLGWEHQALVLYADRLGD
DRPCFFIVEGLYMRVRERLNITVNHQEFVEGDPDHYPKLLRAVRRKGRVIYICSSPDAFRNLMLLALNAGLTGEDYVFFH
LDVFGQSLKSAQGLVPQKPWERGDGQDRSARQAFQAAKIITYKEPDNPEYLEFLKQLKLLADKKFNFTVEDGLKNIIPAS
FHDGLLLYVQAVTETLAQGGTVTDGENITQRMWNRSFQGVTGYLKIDRNGDRDTDFSLWDMDPETGAFRVVLNYNGTSQE
LMAVSEHKLYWPLGYPPPDVPKCGFDNEDPACNQD
;
A,B
2 'polypeptide(L)' RSSCFGGRIDRIGAC L
#
loop_
_chem_comp.id
_chem_comp.type
_chem_comp.name
_chem_comp.formula
CL non-polymer 'CHLORIDE ION' 'Cl -1'
MAN D-saccharide, alpha linking alpha-D-mannopyranose 'C6 H12 O6'
NAG D-saccharide, beta linking 2-acetamido-2-deoxy-beta-D-glucopyranose 'C8 H15 N O6'
#
# COMPACT_ATOMS: atom_id res chain seq x y z
N SER A 1 -9.60 -2.14 -39.48
CA SER A 1 -9.76 -3.46 -40.06
C SER A 1 -9.16 -4.53 -39.16
N ASP A 2 -8.45 -4.07 -38.13
CA ASP A 2 -7.78 -4.97 -37.19
C ASP A 2 -7.81 -4.36 -35.80
N LEU A 3 -8.01 -5.21 -34.80
CA LEU A 3 -8.16 -4.81 -33.40
C LEU A 3 -6.93 -5.24 -32.63
N THR A 4 -6.16 -4.28 -32.11
CA THR A 4 -4.93 -4.59 -31.38
C THR A 4 -5.24 -4.82 -29.90
N VAL A 5 -4.78 -5.95 -29.38
CA VAL A 5 -5.08 -6.37 -28.01
C VAL A 5 -3.76 -6.55 -27.28
N ALA A 6 -3.54 -5.73 -26.26
CA ALA A 6 -2.29 -5.75 -25.50
C ALA A 6 -2.42 -6.66 -24.28
N VAL A 7 -1.47 -7.56 -24.11
CA VAL A 7 -1.47 -8.50 -23.00
C VAL A 7 -0.30 -8.17 -22.10
N VAL A 8 -0.58 -8.08 -20.80
CA VAL A 8 0.46 -7.89 -19.78
C VAL A 8 0.29 -9.02 -18.78
N LEU A 9 1.08 -10.06 -18.96
CA LEU A 9 0.96 -11.28 -18.17
C LEU A 9 2.35 -11.88 -18.03
N PRO A 10 2.53 -12.82 -17.09
CA PRO A 10 3.81 -13.53 -17.00
C PRO A 10 4.09 -14.35 -18.24
N LEU A 11 5.00 -13.87 -19.07
CA LEU A 11 5.24 -14.54 -20.33
C LEU A 11 6.23 -15.69 -20.21
N THR A 12 7.08 -15.68 -19.19
CA THR A 12 8.06 -16.74 -19.00
C THR A 12 7.75 -17.62 -17.79
N ASN A 13 7.47 -17.02 -16.64
CA ASN A 13 7.07 -17.78 -15.47
C ASN A 13 5.73 -18.44 -15.73
N THR A 14 5.65 -19.74 -15.47
CA THR A 14 4.40 -20.46 -15.68
C THR A 14 3.70 -20.83 -14.38
N SER A 15 4.26 -20.45 -13.23
CA SER A 15 3.67 -20.84 -11.95
C SER A 15 2.36 -20.13 -11.67
N TYR A 16 1.97 -19.17 -12.49
CA TYR A 16 0.78 -18.40 -12.19
C TYR A 16 -0.43 -18.96 -12.91
N PRO A 17 -1.59 -18.94 -12.24
CA PRO A 17 -2.83 -19.33 -12.94
C PRO A 17 -3.06 -18.55 -14.21
N TRP A 18 -2.67 -17.27 -14.22
CA TRP A 18 -2.72 -16.43 -15.40
C TRP A 18 -1.38 -16.35 -16.11
N SER A 19 -0.55 -17.39 -16.01
CA SER A 19 0.67 -17.42 -16.80
C SER A 19 0.34 -17.49 -18.28
N TRP A 20 1.21 -16.92 -19.09
CA TRP A 20 0.89 -16.93 -20.50
C TRP A 20 0.89 -18.33 -21.07
N ALA A 21 1.74 -19.22 -20.53
CA ALA A 21 1.75 -20.61 -20.99
C ALA A 21 0.44 -21.32 -20.70
N ARG A 22 -0.42 -20.73 -19.88
CA ARG A 22 -1.74 -21.28 -19.63
C ARG A 22 -2.84 -20.37 -20.15
N VAL A 23 -2.67 -19.06 -20.10
CA VAL A 23 -3.69 -18.18 -20.67
C VAL A 23 -3.49 -18.04 -22.19
N GLY A 24 -2.26 -18.10 -22.66
CA GLY A 24 -1.97 -17.96 -24.07
C GLY A 24 -2.78 -18.86 -24.99
N PRO A 25 -2.74 -20.16 -24.72
CA PRO A 25 -3.60 -21.08 -25.50
C PRO A 25 -5.09 -20.78 -25.32
N ALA A 26 -5.53 -20.60 -24.08
CA ALA A 26 -6.92 -20.22 -23.82
C ALA A 26 -7.33 -18.98 -24.62
N VAL A 27 -6.36 -18.12 -24.95
CA VAL A 27 -6.67 -16.96 -25.76
C VAL A 27 -6.66 -17.32 -27.24
N GLU A 28 -5.69 -18.15 -27.64
CA GLU A 28 -5.68 -18.69 -29.01
C GLU A 28 -7.05 -19.30 -29.33
N LEU A 29 -7.56 -20.13 -28.42
CA LEU A 29 -8.87 -20.75 -28.60
C LEU A 29 -9.95 -19.70 -28.85
N ALA A 30 -9.99 -18.65 -28.02
CA ALA A 30 -11.01 -17.62 -28.20
C ALA A 30 -10.84 -16.88 -29.51
N LEU A 31 -9.60 -16.58 -29.90
CA LEU A 31 -9.39 -15.92 -31.19
C LEU A 31 -9.83 -16.82 -32.33
N ALA A 32 -9.59 -18.12 -32.19
CA ALA A 32 -10.03 -19.06 -33.21
C ALA A 32 -11.56 -19.05 -33.37
N ARG A 33 -12.29 -19.02 -32.25
CA ARG A 33 -13.75 -19.02 -32.32
C ARG A 33 -14.30 -17.72 -32.93
N VAL A 34 -13.59 -16.62 -32.75
CA VAL A 34 -14.07 -15.35 -33.31
C VAL A 34 -13.96 -15.37 -34.83
N LYS A 35 -12.87 -15.95 -35.35
CA LYS A 35 -12.68 -15.98 -36.80
C LYS A 35 -13.75 -16.81 -37.48
N ALA A 36 -14.23 -17.87 -36.82
CA ALA A 36 -15.26 -18.79 -37.31
C ALA A 36 -16.67 -18.30 -37.05
N ARG A 37 -16.86 -17.33 -36.19
CA ARG A 37 -18.14 -16.71 -36.04
C ARG A 37 -18.24 -15.57 -37.05
N PRO A 38 -19.13 -15.68 -38.04
CA PRO A 38 -19.37 -14.53 -38.92
C PRO A 38 -20.09 -13.40 -38.22
N ASP A 39 -20.79 -13.67 -37.11
CA ASP A 39 -21.52 -12.68 -36.32
C ASP A 39 -20.64 -11.93 -35.34
N LEU A 40 -19.38 -12.31 -35.19
CA LEU A 40 -18.45 -11.63 -34.29
C LEU A 40 -17.37 -10.98 -35.15
N LEU A 41 -17.27 -9.64 -35.03
CA LEU A 41 -16.34 -8.77 -35.73
C LEU A 41 -16.15 -9.26 -37.15
N PRO A 42 -17.09 -8.95 -38.04
CA PRO A 42 -17.00 -9.48 -39.41
C PRO A 42 -15.89 -8.78 -40.17
N GLY A 43 -14.98 -9.60 -40.72
CA GLY A 43 -13.89 -9.10 -41.54
C GLY A 43 -12.70 -8.56 -40.78
N TRP A 44 -12.80 -8.46 -39.46
CA TRP A 44 -11.74 -7.96 -38.60
C TRP A 44 -10.66 -9.01 -38.37
N THR A 45 -9.42 -8.55 -38.28
CA THR A 45 -8.26 -9.41 -38.02
C THR A 45 -7.61 -8.92 -36.72
N VAL A 46 -8.09 -9.47 -35.60
CA VAL A 46 -7.69 -9.05 -34.25
C VAL A 46 -6.26 -9.50 -33.98
N ARG A 47 -5.34 -8.55 -33.85
CA ARG A 47 -3.96 -8.88 -33.52
C ARG A 47 -3.72 -8.81 -32.02
N MET A 48 -2.55 -9.29 -31.61
CA MET A 48 -2.20 -9.30 -30.21
C MET A 48 -0.74 -8.95 -30.06
N VAL A 49 -0.46 -8.09 -29.08
CA VAL A 49 0.89 -7.68 -28.74
C VAL A 49 1.09 -8.00 -27.26
N LEU A 50 2.24 -8.58 -26.91
CA LEU A 50 2.42 -9.17 -25.58
C LEU A 50 3.42 -8.38 -24.75
N GLY A 51 3.23 -8.44 -23.43
CA GLY A 51 4.12 -7.80 -22.49
C GLY A 51 4.30 -8.61 -21.21
N SER A 52 5.53 -8.75 -20.77
CA SER A 52 5.82 -9.54 -19.58
C SER A 52 5.55 -8.67 -18.36
N SER A 53 4.57 -9.05 -17.56
CA SER A 53 4.40 -8.42 -16.27
C SER A 53 5.55 -8.72 -15.33
N GLU A 54 6.42 -9.66 -15.68
CA GLU A 54 7.43 -10.06 -14.73
C GLU A 54 8.71 -9.25 -14.92
N ASN A 55 9.42 -9.09 -13.80
CA ASN A 55 10.68 -8.39 -13.79
C ASN A 55 11.82 -9.30 -14.18
N ALA A 56 13.02 -8.97 -13.69
CA ALA A 56 14.20 -9.74 -14.03
C ALA A 56 14.15 -11.12 -13.38
N ALA A 57 13.82 -11.17 -12.09
CA ALA A 57 13.83 -12.42 -11.34
C ALA A 57 12.71 -13.37 -11.76
N GLY A 58 11.79 -12.94 -12.65
CA GLY A 58 10.74 -13.79 -13.17
C GLY A 58 9.39 -13.64 -12.50
N VAL A 59 9.34 -12.99 -11.34
CA VAL A 59 8.07 -12.75 -10.66
C VAL A 59 7.40 -11.54 -11.26
N CYS A 60 6.08 -11.46 -11.11
CA CYS A 60 5.39 -10.31 -11.66
C CYS A 60 5.68 -9.10 -10.79
N SER A 61 5.99 -7.99 -11.43
CA SER A 61 6.57 -6.81 -10.80
C SER A 61 5.60 -5.63 -10.84
N ASP A 62 5.49 -4.92 -9.72
CA ASP A 62 4.82 -3.60 -9.67
C ASP A 62 5.56 -2.53 -10.47
N THR A 63 6.65 -2.94 -11.13
CA THR A 63 7.43 -2.08 -12.01
C THR A 63 7.47 -2.59 -13.44
N ALA A 64 7.88 -3.86 -13.63
CA ALA A 64 8.00 -4.37 -14.98
C ALA A 64 6.67 -4.30 -15.70
N ALA A 65 5.58 -4.59 -14.99
CA ALA A 65 4.26 -4.63 -15.61
C ALA A 65 3.82 -3.26 -16.09
N PRO A 66 3.87 -2.19 -15.29
CA PRO A 66 3.46 -0.89 -15.84
C PRO A 66 4.41 -0.38 -16.91
N LEU A 67 5.71 -0.63 -16.76
CA LEU A 67 6.66 -0.28 -17.80
C LEU A 67 6.31 -0.99 -19.10
N ALA A 68 5.96 -2.27 -19.01
CA ALA A 68 5.50 -3.00 -20.18
C ALA A 68 4.24 -2.37 -20.77
N ALA A 69 3.28 -1.99 -19.90
CA ALA A 69 2.02 -1.45 -20.38
C ALA A 69 2.20 -0.17 -21.18
N VAL A 70 3.21 0.62 -20.85
CA VAL A 70 3.41 1.90 -21.54
C VAL A 70 4.02 1.67 -22.90
N ASP A 71 4.98 0.74 -22.99
CA ASP A 71 5.63 0.49 -24.26
C ASP A 71 4.63 -0.05 -25.27
N LEU A 72 3.66 -0.84 -24.81
CA LEU A 72 2.64 -1.34 -25.73
C LEU A 72 1.68 -0.24 -26.17
N LYS A 73 1.40 0.72 -25.29
CA LYS A 73 0.49 1.80 -25.66
C LYS A 73 1.11 2.70 -26.70
N TRP A 74 2.38 3.08 -26.50
N TRP A 74 2.37 3.08 -26.49
CA TRP A 74 3.03 4.00 -27.43
CA TRP A 74 3.05 4.00 -27.41
C TRP A 74 3.51 3.34 -28.71
C TRP A 74 3.43 3.34 -28.72
N GLU A 75 3.55 2.02 -28.76
CA GLU A 75 3.99 1.35 -29.96
C GLU A 75 2.84 0.87 -30.82
N HIS A 76 1.70 0.51 -30.23
CA HIS A 76 0.61 -0.09 -30.98
C HIS A 76 -0.74 0.57 -30.78
N SER A 77 -0.91 1.38 -29.74
CA SER A 77 -2.20 1.93 -29.34
C SER A 77 -3.23 0.82 -29.39
N PRO A 78 -3.18 -0.13 -28.45
CA PRO A 78 -4.18 -1.19 -28.43
C PRO A 78 -5.54 -0.64 -28.00
N ALA A 79 -6.57 -1.41 -28.29
CA ALA A 79 -7.92 -1.03 -27.92
C ALA A 79 -8.34 -1.59 -26.58
N VAL A 80 -7.62 -2.61 -26.10
CA VAL A 80 -7.99 -3.28 -24.87
C VAL A 80 -6.75 -3.94 -24.31
N PHE A 81 -6.72 -4.09 -23.00
CA PHE A 81 -5.64 -4.78 -22.31
C PHE A 81 -6.15 -6.05 -21.68
N LEU A 82 -5.25 -7.02 -21.63
CA LEU A 82 -5.51 -8.34 -21.10
C LEU A 82 -4.49 -8.59 -20.00
N GLY A 83 -4.97 -8.93 -18.81
CA GLY A 83 -4.09 -9.04 -17.67
C GLY A 83 -3.77 -7.65 -17.16
N PRO A 84 -2.97 -7.56 -16.08
CA PRO A 84 -2.32 -8.67 -15.40
C PRO A 84 -3.21 -9.40 -14.40
N GLY A 85 -2.69 -10.49 -13.85
CA GLY A 85 -3.43 -11.24 -12.86
C GLY A 85 -2.94 -10.96 -11.46
N CYS A 86 -1.66 -10.59 -11.34
CA CYS A 86 -1.09 -10.22 -10.05
C CYS A 86 -1.66 -8.90 -9.58
N VAL A 87 -2.01 -8.85 -8.30
CA VAL A 87 -2.63 -7.65 -7.74
C VAL A 87 -1.67 -6.46 -7.83
N TYR A 88 -0.45 -6.64 -7.37
CA TYR A 88 0.54 -5.56 -7.38
C TYR A 88 1.00 -5.21 -8.79
N SER A 89 0.78 -6.10 -9.76
CA SER A 89 1.01 -5.78 -11.16
C SER A 89 -0.17 -5.08 -11.78
N ALA A 90 -1.36 -5.55 -11.43
CA ALA A 90 -2.57 -5.06 -12.05
C ALA A 90 -2.89 -3.65 -11.61
N ALA A 91 -2.69 -3.34 -10.33
CA ALA A 91 -3.05 -2.03 -9.78
C ALA A 91 -2.41 -0.91 -10.60
N PRO A 92 -1.08 -0.85 -10.73
CA PRO A 92 -0.49 0.26 -11.51
C PRO A 92 -0.93 0.28 -12.97
N VAL A 93 -0.98 -0.87 -13.64
CA VAL A 93 -1.42 -0.88 -15.03
C VAL A 93 -2.88 -0.44 -15.12
N GLY A 94 -3.68 -0.77 -14.12
CA GLY A 94 -5.09 -0.40 -14.17
C GLY A 94 -5.27 1.11 -14.11
N ARG A 95 -4.48 1.78 -13.28
N ARG A 95 -4.47 1.77 -13.27
CA ARG A 95 -4.54 3.24 -13.22
CA ARG A 95 -4.53 3.23 -13.21
C ARG A 95 -4.09 3.87 -14.53
C ARG A 95 -4.09 3.85 -14.52
N PHE A 96 -3.23 3.17 -15.27
CA PHE A 96 -2.78 3.68 -16.55
C PHE A 96 -3.84 3.50 -17.61
N THR A 97 -4.47 2.33 -17.66
CA THR A 97 -5.54 2.13 -18.63
C THR A 97 -6.75 2.97 -18.30
N ALA A 98 -7.07 3.10 -17.00
CA ALA A 98 -8.19 3.96 -16.62
C ALA A 98 -7.92 5.40 -17.03
N HIS A 99 -6.67 5.84 -16.96
CA HIS A 99 -6.32 7.18 -17.44
C HIS A 99 -6.41 7.25 -18.96
N TRP A 100 -5.87 6.25 -19.65
CA TRP A 100 -5.86 6.19 -21.11
C TRP A 100 -7.25 5.94 -21.73
N ARG A 101 -8.28 5.71 -20.91
CA ARG A 101 -9.63 5.43 -21.40
C ARG A 101 -9.67 4.14 -22.23
N VAL A 102 -8.87 3.17 -21.83
CA VAL A 102 -8.73 1.89 -22.53
C VAL A 102 -9.33 0.81 -21.64
N PRO A 103 -10.17 -0.07 -22.18
CA PRO A 103 -10.72 -1.14 -21.35
C PRO A 103 -9.63 -2.09 -20.88
N LEU A 104 -9.90 -2.73 -19.76
CA LEU A 104 -8.96 -3.66 -19.15
C LEU A 104 -9.72 -4.91 -18.75
N LEU A 105 -9.23 -6.07 -19.19
CA LEU A 105 -9.85 -7.35 -18.91
C LEU A 105 -8.87 -8.25 -18.19
N THR A 106 -9.33 -8.86 -17.09
CA THR A 106 -8.49 -9.83 -16.43
C THR A 106 -9.32 -10.77 -15.59
N ALA A 107 -8.87 -12.03 -15.54
CA ALA A 107 -9.45 -12.99 -14.63
C ALA A 107 -8.85 -12.87 -13.26
N GLY A 108 -7.64 -12.32 -13.16
CA GLY A 108 -6.99 -12.12 -11.89
C GLY A 108 -7.44 -10.85 -11.22
N ALA A 109 -6.49 -10.19 -10.57
CA ALA A 109 -6.72 -8.94 -9.83
C ALA A 109 -7.89 -9.00 -8.84
N PRO A 110 -7.95 -10.02 -7.97
CA PRO A 110 -9.15 -10.26 -7.18
C PRO A 110 -9.32 -9.37 -5.95
N ALA A 111 -8.45 -8.40 -5.72
CA ALA A 111 -8.37 -7.71 -4.44
C ALA A 111 -9.57 -6.81 -4.21
N LEU A 112 -9.70 -6.36 -2.97
CA LEU A 112 -10.80 -5.47 -2.65
C LEU A 112 -10.66 -4.13 -3.37
N GLY A 113 -9.44 -3.59 -3.49
CA GLY A 113 -9.27 -2.26 -4.04
C GLY A 113 -9.59 -2.17 -5.53
N ILE A 114 -9.39 -3.25 -6.27
CA ILE A 114 -9.68 -3.21 -7.70
C ILE A 114 -11.16 -2.97 -7.92
N GLY A 115 -11.99 -3.36 -6.96
CA GLY A 115 -13.40 -3.09 -7.00
C GLY A 115 -13.74 -1.62 -7.17
N VAL A 116 -12.83 -0.74 -6.76
CA VAL A 116 -13.14 0.68 -6.87
C VAL A 116 -12.99 1.16 -8.31
N LYS A 117 -14.08 1.05 -9.09
CA LYS A 117 -14.01 1.40 -10.49
C LYS A 117 -14.07 2.91 -10.73
N ASP A 118 -14.26 3.72 -9.69
CA ASP A 118 -14.04 5.15 -9.86
C ASP A 118 -12.59 5.42 -10.17
N GLU A 119 -11.68 4.64 -9.56
N GLU A 119 -11.69 4.62 -9.58
CA GLU A 119 -10.26 4.71 -9.89
CA GLU A 119 -10.27 4.69 -9.88
C GLU A 119 -9.93 3.79 -11.06
C GLU A 119 -9.93 3.79 -11.05
N TYR A 120 -10.27 2.51 -10.95
CA TYR A 120 -9.99 1.54 -12.00
C TYR A 120 -11.17 1.50 -12.99
N ALA A 121 -11.37 2.65 -13.64
CA ALA A 121 -12.41 2.72 -14.66
C ALA A 121 -12.04 1.85 -15.86
N LEU A 122 -13.07 1.33 -16.53
CA LEU A 122 -12.94 0.46 -17.69
C LEU A 122 -12.19 -0.83 -17.38
N THR A 123 -12.16 -1.22 -16.12
CA THR A 123 -11.49 -2.44 -15.71
C THR A 123 -12.57 -3.45 -15.38
N THR A 124 -12.69 -4.47 -16.22
CA THR A 124 -13.73 -5.48 -16.10
C THR A 124 -13.10 -6.79 -15.63
N ARG A 125 -13.51 -7.30 -14.46
CA ARG A 125 -12.95 -8.50 -13.86
C ARG A 125 -13.84 -9.69 -14.20
N THR A 126 -13.35 -10.57 -15.08
CA THR A 126 -14.11 -11.75 -15.46
C THR A 126 -13.73 -12.98 -14.64
N GLY A 127 -12.81 -12.84 -13.70
CA GLY A 127 -12.48 -13.93 -12.81
C GLY A 127 -13.03 -13.67 -11.43
N PRO A 128 -12.66 -14.53 -10.49
CA PRO A 128 -13.07 -14.35 -9.09
C PRO A 128 -12.62 -13.01 -8.52
N SER A 129 -13.46 -12.45 -7.64
CA SER A 129 -13.13 -11.32 -6.80
C SER A 129 -13.25 -11.74 -5.34
N HIS A 130 -12.45 -11.12 -4.48
CA HIS A 130 -12.45 -11.54 -3.09
C HIS A 130 -13.63 -10.97 -2.33
N VAL A 131 -14.11 -9.79 -2.73
CA VAL A 131 -15.38 -9.30 -2.22
C VAL A 131 -16.46 -10.36 -2.37
N LYS A 132 -16.42 -11.11 -3.48
CA LYS A 132 -17.38 -12.19 -3.70
C LYS A 132 -17.24 -13.28 -2.64
N LEU A 133 -16.05 -13.48 -2.09
CA LEU A 133 -15.90 -14.45 -1.01
C LEU A 133 -16.65 -14.01 0.22
N GLY A 134 -16.70 -12.70 0.49
CA GLY A 134 -17.53 -12.20 1.56
C GLY A 134 -18.98 -12.59 1.39
N ASP A 135 -19.49 -12.52 0.16
CA ASP A 135 -20.86 -12.92 -0.12
C ASP A 135 -21.13 -14.35 0.35
N PHE A 136 -20.25 -15.29 -0.03
CA PHE A 136 -20.45 -16.68 0.38
C PHE A 136 -20.33 -16.83 1.89
N VAL A 137 -19.36 -16.16 2.51
CA VAL A 137 -19.26 -16.30 3.96
C VAL A 137 -20.50 -15.71 4.62
N THR A 138 -21.06 -14.65 4.02
CA THR A 138 -22.28 -14.06 4.56
C THR A 138 -23.43 -15.04 4.49
N ALA A 139 -23.68 -15.60 3.30
CA ALA A 139 -24.71 -16.60 3.15
C ALA A 139 -24.49 -17.77 4.10
N LEU A 140 -23.23 -18.20 4.26
CA LEU A 140 -22.94 -19.36 5.09
C LEU A 140 -23.19 -19.08 6.56
N HIS A 141 -23.03 -17.83 7.00
CA HIS A 141 -23.29 -17.50 8.39
C HIS A 141 -24.79 -17.34 8.63
N ARG A 142 -25.48 -16.69 7.69
CA ARG A 142 -26.93 -16.51 7.82
C ARG A 142 -27.64 -17.85 7.88
N ARG A 143 -27.23 -18.80 7.04
CA ARG A 143 -27.86 -20.12 6.97
C ARG A 143 -27.19 -21.13 7.91
N LEU A 144 -26.53 -20.67 8.98
CA LEU A 144 -25.96 -21.57 9.96
C LEU A 144 -25.96 -21.03 11.38
N GLY A 145 -26.52 -19.85 11.62
CA GLY A 145 -26.79 -19.41 12.96
C GLY A 145 -25.64 -18.76 13.68
N TRP A 146 -24.63 -18.32 12.94
CA TRP A 146 -23.47 -17.66 13.50
C TRP A 146 -23.64 -16.17 13.24
N GLU A 147 -23.94 -15.40 14.28
CA GLU A 147 -24.19 -13.99 14.05
C GLU A 147 -23.53 -13.14 15.14
N HIS A 148 -22.37 -13.57 15.62
CA HIS A 148 -21.71 -12.85 16.69
C HIS A 148 -20.23 -12.64 16.41
N GLN A 149 -19.46 -13.73 16.39
CA GLN A 149 -18.01 -13.62 16.44
C GLN A 149 -17.37 -14.74 15.63
N ALA A 150 -16.36 -14.39 14.84
CA ALA A 150 -15.61 -15.36 14.06
C ALA A 150 -14.14 -14.99 14.07
N LEU A 151 -13.29 -15.96 13.72
CA LEU A 151 -11.84 -15.81 13.81
C LEU A 151 -11.17 -16.15 12.48
N VAL A 152 -10.24 -15.29 12.05
CA VAL A 152 -9.53 -15.42 10.77
C VAL A 152 -8.02 -15.49 11.01
N LEU A 153 -7.36 -16.44 10.36
CA LEU A 153 -5.91 -16.62 10.43
C LEU A 153 -5.34 -16.69 9.03
N TYR A 154 -4.32 -15.89 8.76
CA TYR A 154 -3.80 -15.85 7.40
C TYR A 154 -2.29 -15.66 7.43
N ALA A 155 -1.62 -16.33 6.52
CA ALA A 155 -0.18 -16.23 6.41
C ALA A 155 0.19 -15.85 5.00
N ASP A 156 1.34 -15.23 4.86
CA ASP A 156 1.85 -14.92 3.53
C ASP A 156 3.35 -15.15 3.52
N ARG A 157 3.85 -15.67 2.40
CA ARG A 157 5.28 -15.67 2.12
C ARG A 157 5.70 -14.25 1.77
N LEU A 158 6.76 -13.76 2.38
CA LEU A 158 7.17 -12.38 2.16
C LEU A 158 7.63 -12.17 0.72
N GLY A 159 7.18 -11.07 0.11
CA GLY A 159 7.58 -10.72 -1.24
C GLY A 159 6.76 -11.32 -2.36
N ASP A 160 5.71 -12.07 -2.05
CA ASP A 160 4.83 -12.61 -3.07
C ASP A 160 3.76 -11.56 -3.38
N ASP A 161 2.68 -11.97 -4.04
CA ASP A 161 1.50 -11.14 -4.28
C ASP A 161 0.62 -10.99 -3.05
N ARG A 162 1.03 -11.52 -1.90
CA ARG A 162 0.25 -11.46 -0.66
C ARG A 162 -1.17 -12.01 -0.81
N PRO A 163 -1.31 -13.23 -1.34
CA PRO A 163 -2.65 -13.69 -1.73
C PRO A 163 -3.59 -13.85 -0.55
N CYS A 164 -3.12 -14.43 0.56
CA CYS A 164 -3.98 -14.63 1.71
C CYS A 164 -4.40 -13.31 2.36
N PHE A 165 -3.62 -12.25 2.19
CA PHE A 165 -4.08 -10.96 2.69
C PHE A 165 -5.35 -10.54 1.97
N PHE A 166 -5.26 -10.41 0.65
CA PHE A 166 -6.36 -9.82 -0.11
C PHE A 166 -7.60 -10.71 -0.05
N ILE A 167 -7.38 -12.01 0.10
CA ILE A 167 -8.45 -12.96 0.37
C ILE A 167 -9.15 -12.61 1.68
N VAL A 168 -8.38 -12.34 2.73
CA VAL A 168 -8.98 -11.94 4.00
C VAL A 168 -9.46 -10.48 3.97
N GLU A 169 -8.77 -9.58 3.27
CA GLU A 169 -9.29 -8.23 3.10
C GLU A 169 -10.68 -8.26 2.44
N GLY A 170 -10.81 -8.97 1.32
CA GLY A 170 -12.10 -9.03 0.66
C GLY A 170 -13.18 -9.72 1.47
N LEU A 171 -12.78 -10.63 2.36
CA LEU A 171 -13.74 -11.34 3.20
C LEU A 171 -14.12 -10.51 4.42
N TYR A 172 -13.13 -9.92 5.08
CA TYR A 172 -13.38 -9.05 6.23
C TYR A 172 -14.27 -7.88 5.84
N MET A 173 -13.90 -7.15 4.79
CA MET A 173 -14.60 -5.91 4.45
C MET A 173 -16.03 -6.17 4.02
N ARG A 174 -16.27 -7.23 3.23
CA ARG A 174 -17.62 -7.51 2.76
C ARG A 174 -18.49 -8.19 3.82
N VAL A 175 -17.90 -8.92 4.78
CA VAL A 175 -18.75 -9.58 5.78
C VAL A 175 -19.12 -8.60 6.89
N ARG A 176 -18.23 -7.69 7.26
CA ARG A 176 -18.61 -6.68 8.23
C ARG A 176 -19.47 -5.60 7.59
N GLU A 177 -19.38 -5.42 6.27
CA GLU A 177 -20.28 -4.54 5.57
C GLU A 177 -21.73 -5.02 5.64
N ARG A 178 -21.92 -6.34 5.70
CA ARG A 178 -23.25 -6.94 5.58
C ARG A 178 -23.81 -7.48 6.88
N LEU A 179 -22.97 -7.77 7.88
CA LEU A 179 -23.42 -8.35 9.13
C LEU A 179 -23.02 -7.56 10.37
N ASN A 180 -21.97 -6.75 10.30
CA ASN A 180 -21.54 -5.92 11.44
C ASN A 180 -21.25 -6.76 12.69
N ILE A 181 -20.79 -8.00 12.50
CA ILE A 181 -20.44 -8.85 13.63
C ILE A 181 -18.95 -8.78 13.87
N THR A 182 -18.52 -9.31 15.01
CA THR A 182 -17.11 -9.23 15.40
C THR A 182 -16.30 -10.24 14.61
N VAL A 183 -15.34 -9.72 13.84
CA VAL A 183 -14.47 -10.55 13.01
C VAL A 183 -13.03 -10.25 13.43
N ASN A 184 -12.44 -11.16 14.18
CA ASN A 184 -11.06 -11.00 14.59
C ASN A 184 -10.13 -11.61 13.55
N HIS A 185 -8.97 -10.96 13.38
CA HIS A 185 -7.97 -11.36 12.39
C HIS A 185 -6.58 -11.43 13.04
N GLN A 186 -5.72 -12.28 12.46
CA GLN A 186 -4.33 -12.39 12.92
C GLN A 186 -3.47 -12.91 11.78
N GLU A 187 -2.40 -12.18 11.46
CA GLU A 187 -1.44 -12.61 10.45
C GLU A 187 -0.33 -13.44 11.10
N PHE A 188 0.19 -14.39 10.34
CA PHE A 188 1.30 -15.20 10.82
C PHE A 188 2.19 -15.57 9.64
N VAL A 189 3.30 -16.23 9.97
CA VAL A 189 4.27 -16.70 8.99
C VAL A 189 4.41 -18.19 9.16
N GLU A 190 4.33 -18.92 8.05
CA GLU A 190 4.29 -20.37 8.15
C GLU A 190 5.61 -20.93 8.66
N GLY A 191 6.73 -20.47 8.12
CA GLY A 191 8.01 -21.04 8.50
C GLY A 191 8.53 -20.66 9.87
N ASP A 192 7.76 -19.88 10.66
CA ASP A 192 8.23 -19.43 11.97
C ASP A 192 7.52 -20.21 13.06
N PRO A 193 8.21 -21.10 13.76
CA PRO A 193 7.55 -21.82 14.86
C PRO A 193 7.10 -20.91 15.99
N ASP A 194 7.73 -19.74 16.17
CA ASP A 194 7.38 -18.83 17.26
C ASP A 194 5.90 -18.43 17.24
N HIS A 195 5.24 -18.51 16.08
CA HIS A 195 3.88 -18.03 15.93
C HIS A 195 2.85 -19.07 16.32
N TYR A 196 3.18 -20.34 16.21
CA TYR A 196 2.18 -21.37 16.44
C TYR A 196 1.66 -21.34 17.87
N PRO A 197 2.50 -21.10 18.90
CA PRO A 197 1.92 -20.87 20.23
C PRO A 197 0.93 -19.74 20.24
N LYS A 198 1.22 -18.65 19.53
CA LYS A 198 0.32 -17.52 19.50
C LYS A 198 -1.01 -17.89 18.85
N LEU A 199 -0.95 -18.72 17.81
CA LEU A 199 -2.16 -19.08 17.05
C LEU A 199 -3.08 -19.95 17.89
N LEU A 200 -2.55 -21.02 18.49
CA LEU A 200 -3.38 -21.88 19.31
C LEU A 200 -3.96 -21.13 20.51
N ARG A 201 -3.20 -20.18 21.05
CA ARG A 201 -3.73 -19.31 22.10
C ARG A 201 -4.92 -18.51 21.59
N ALA A 202 -4.80 -17.93 20.40
CA ALA A 202 -5.86 -17.08 19.87
C ALA A 202 -7.04 -17.90 19.38
N VAL A 203 -6.81 -19.15 19.02
CA VAL A 203 -7.89 -20.00 18.55
C VAL A 203 -8.96 -20.14 19.63
N ARG A 204 -8.55 -20.49 20.84
CA ARG A 204 -9.51 -20.70 21.91
C ARG A 204 -9.82 -19.43 22.67
N ARG A 205 -9.56 -18.27 22.11
CA ARG A 205 -9.87 -17.07 22.87
C ARG A 205 -10.67 -16.10 22.02
N LYS A 206 -10.44 -16.14 20.72
CA LYS A 206 -10.94 -15.11 19.83
C LYS A 206 -12.09 -15.60 18.95
N GLY A 207 -12.59 -16.80 19.19
CA GLY A 207 -13.74 -17.27 18.43
C GLY A 207 -13.75 -18.77 18.31
N ARG A 208 -14.89 -19.27 17.82
CA ARG A 208 -15.08 -20.69 17.55
C ARG A 208 -15.27 -20.98 16.08
N VAL A 209 -15.89 -20.06 15.36
CA VAL A 209 -15.92 -20.12 13.90
C VAL A 209 -14.59 -19.56 13.41
N ILE A 210 -13.75 -20.43 12.87
CA ILE A 210 -12.38 -20.10 12.54
C ILE A 210 -12.14 -20.37 11.06
N TYR A 211 -11.70 -19.33 10.36
CA TYR A 211 -11.28 -19.40 8.97
C TYR A 211 -9.76 -19.26 8.89
N ILE A 212 -9.11 -20.14 8.13
CA ILE A 212 -7.66 -20.14 7.97
C ILE A 212 -7.32 -20.09 6.48
N CYS A 213 -6.50 -19.10 6.10
CA CYS A 213 -5.94 -18.98 4.76
C CYS A 213 -4.46 -19.29 4.89
N SER A 214 -4.07 -20.50 4.51
CA SER A 214 -2.68 -20.91 4.61
C SER A 214 -2.42 -21.96 3.57
N SER A 215 -1.16 -22.40 3.52
CA SER A 215 -0.81 -23.55 2.72
C SER A 215 -1.54 -24.77 3.28
N PRO A 216 -1.59 -25.85 2.50
CA PRO A 216 -2.21 -27.07 3.03
C PRO A 216 -1.44 -27.62 4.20
N ASP A 217 -0.11 -27.58 4.14
CA ASP A 217 0.68 -28.13 5.24
C ASP A 217 0.48 -27.32 6.52
N ALA A 218 0.43 -26.00 6.41
CA ALA A 218 0.22 -25.16 7.59
C ALA A 218 -1.15 -25.43 8.22
N PHE A 219 -2.19 -25.47 7.38
CA PHE A 219 -3.52 -25.77 7.88
C PHE A 219 -3.60 -27.17 8.48
N ARG A 220 -2.90 -28.14 7.91
CA ARG A 220 -2.86 -29.47 8.52
C ARG A 220 -2.21 -29.41 9.90
N ASN A 221 -1.01 -28.83 9.99
CA ASN A 221 -0.29 -28.77 11.26
C ASN A 221 -1.10 -28.07 12.34
N LEU A 222 -1.79 -27.00 11.96
CA LEU A 222 -2.69 -26.33 12.88
C LEU A 222 -3.79 -27.27 13.38
N MET A 223 -4.36 -28.08 12.50
CA MET A 223 -5.39 -29.02 12.93
C MET A 223 -4.83 -30.03 13.92
N LEU A 224 -3.62 -30.52 13.66
CA LEU A 224 -2.98 -31.47 14.58
C LEU A 224 -2.79 -30.85 15.95
N LEU A 225 -2.32 -29.61 15.99
CA LEU A 225 -2.16 -28.93 17.28
C LEU A 225 -3.50 -28.63 17.92
N ALA A 226 -4.53 -28.33 17.12
CA ALA A 226 -5.86 -28.12 17.68
C ALA A 226 -6.38 -29.39 18.32
N LEU A 227 -6.28 -30.50 17.59
CA LEU A 227 -6.64 -31.79 18.15
C LEU A 227 -5.85 -32.06 19.42
N ASN A 228 -4.54 -31.84 19.37
CA ASN A 228 -3.70 -32.03 20.53
C ASN A 228 -4.17 -31.18 21.70
N ALA A 229 -4.62 -29.95 21.45
CA ALA A 229 -5.09 -29.09 22.53
C ALA A 229 -6.54 -29.34 22.91
N GLY A 230 -7.14 -30.42 22.38
CA GLY A 230 -8.50 -30.75 22.74
C GLY A 230 -9.56 -29.86 22.14
N LEU A 231 -9.39 -29.43 20.89
CA LEU A 231 -10.34 -28.58 20.20
C LEU A 231 -11.00 -29.42 19.11
N THR A 232 -12.31 -29.62 19.23
CA THR A 232 -13.03 -30.53 18.35
C THR A 232 -14.24 -29.84 17.75
N GLY A 233 -14.87 -30.53 16.79
CA GLY A 233 -16.02 -30.02 16.07
C GLY A 233 -17.24 -29.75 16.95
N GLU A 234 -17.20 -30.15 18.22
CA GLU A 234 -18.30 -29.86 19.13
C GLU A 234 -18.36 -28.39 19.50
N ASP A 235 -17.20 -27.73 19.55
CA ASP A 235 -17.13 -26.32 19.88
C ASP A 235 -16.51 -25.48 18.78
N TYR A 236 -15.80 -26.08 17.83
CA TYR A 236 -15.07 -25.34 16.82
C TYR A 236 -15.42 -25.82 15.42
N VAL A 237 -15.09 -24.99 14.45
CA VAL A 237 -15.15 -25.37 13.04
C VAL A 237 -14.07 -24.57 12.31
N PHE A 238 -13.31 -25.27 11.48
CA PHE A 238 -12.13 -24.69 10.84
C PHE A 238 -12.35 -24.67 9.34
N PHE A 239 -12.48 -23.48 8.76
CA PHE A 239 -12.66 -23.31 7.33
C PHE A 239 -11.32 -22.98 6.69
N HIS A 240 -10.75 -23.92 5.95
CA HIS A 240 -9.57 -23.64 5.15
C HIS A 240 -10.02 -22.87 3.92
N LEU A 241 -9.60 -21.61 3.83
CA LEU A 241 -9.86 -20.78 2.65
C LEU A 241 -8.80 -21.14 1.61
N ASP A 242 -9.10 -22.22 0.89
CA ASP A 242 -8.23 -22.77 -0.12
C ASP A 242 -8.97 -22.64 -1.44
N VAL A 243 -8.84 -21.48 -2.07
CA VAL A 243 -9.74 -21.17 -3.17
C VAL A 243 -9.40 -22.00 -4.41
N PHE A 244 -8.12 -22.21 -4.69
CA PHE A 244 -7.71 -22.96 -5.86
C PHE A 244 -7.52 -24.43 -5.56
N GLY A 245 -8.03 -24.90 -4.42
CA GLY A 245 -7.95 -26.28 -4.03
C GLY A 245 -6.54 -26.85 -4.02
N GLN A 246 -5.60 -26.15 -3.40
CA GLN A 246 -4.24 -26.68 -3.35
C GLN A 246 -4.15 -27.89 -2.42
N SER A 247 -5.00 -27.95 -1.39
CA SER A 247 -5.04 -29.10 -0.51
C SER A 247 -5.83 -30.27 -1.10
N LEU A 248 -6.33 -30.15 -2.33
CA LEU A 248 -7.11 -31.19 -2.96
C LEU A 248 -6.53 -31.51 -4.34
N LYS A 249 -6.92 -32.67 -4.88
CA LYS A 249 -6.54 -33.05 -6.23
C LYS A 249 -7.59 -32.57 -7.23
N SER A 250 -7.45 -32.95 -8.49
CA SER A 250 -8.38 -32.50 -9.51
C SER A 250 -9.71 -33.25 -9.40
N ALA A 251 -10.76 -32.60 -9.86
CA ALA A 251 -12.08 -33.22 -9.89
C ALA A 251 -12.24 -34.26 -10.99
N GLN A 252 -11.23 -34.43 -11.85
CA GLN A 252 -11.35 -35.30 -13.00
C GLN A 252 -11.09 -36.75 -12.63
N GLY A 253 -10.00 -37.01 -11.95
CA GLY A 253 -9.69 -38.35 -11.49
C GLY A 253 -9.26 -38.32 -10.05
N LEU A 254 -8.29 -39.15 -9.72
CA LEU A 254 -7.70 -39.23 -8.38
C LEU A 254 -8.78 -39.31 -7.30
N VAL A 255 -9.65 -40.31 -7.44
CA VAL A 255 -10.70 -40.61 -6.47
C VAL A 255 -10.15 -41.54 -5.39
N PRO A 256 -10.37 -41.26 -4.09
CA PRO A 256 -11.11 -40.14 -3.51
C PRO A 256 -10.24 -38.95 -3.13
N GLN A 257 -10.76 -38.09 -2.26
CA GLN A 257 -10.10 -36.83 -1.91
C GLN A 257 -9.74 -36.85 -0.42
N LYS A 258 -8.43 -36.94 -0.14
CA LYS A 258 -7.95 -36.95 1.24
C LYS A 258 -6.85 -35.90 1.42
N PRO A 259 -7.16 -34.79 2.07
CA PRO A 259 -6.12 -33.77 2.32
C PRO A 259 -5.31 -34.05 3.56
N TRP A 260 -5.89 -34.73 4.54
CA TRP A 260 -5.19 -35.00 5.80
C TRP A 260 -4.11 -36.07 5.67
N GLU A 261 -4.22 -36.93 4.67
CA GLU A 261 -3.26 -38.00 4.49
C GLU A 261 -1.96 -37.44 3.93
N ARG A 262 -0.85 -37.72 4.62
CA ARG A 262 0.44 -37.20 4.23
C ARG A 262 1.54 -38.25 4.12
N GLY A 263 1.32 -39.46 4.64
CA GLY A 263 2.33 -40.50 4.53
C GLY A 263 3.50 -40.33 5.48
N ASP A 264 3.24 -39.89 6.71
CA ASP A 264 4.25 -39.65 7.72
C ASP A 264 3.89 -40.30 9.05
N GLY A 265 3.00 -41.31 9.05
CA GLY A 265 2.52 -41.94 10.25
C GLY A 265 1.60 -41.09 11.11
N GLN A 266 1.61 -39.77 10.93
CA GLN A 266 0.67 -38.87 11.61
C GLN A 266 -0.68 -38.84 10.95
N ASP A 267 -0.84 -39.52 9.80
CA ASP A 267 -2.09 -39.44 9.07
C ASP A 267 -3.25 -39.97 9.90
N ARG A 268 -2.98 -40.92 10.79
CA ARG A 268 -4.05 -41.48 11.61
C ARG A 268 -4.64 -40.43 12.54
N SER A 269 -3.79 -39.63 13.19
CA SER A 269 -4.29 -38.55 14.03
C SER A 269 -4.84 -37.41 13.19
N ALA A 270 -4.29 -37.21 11.99
CA ALA A 270 -4.73 -36.12 11.13
C ALA A 270 -6.18 -36.31 10.69
N ARG A 271 -6.55 -37.55 10.34
CA ARG A 271 -7.91 -37.82 9.88
C ARG A 271 -8.93 -37.40 10.93
N GLN A 272 -8.69 -37.78 12.17
CA GLN A 272 -9.63 -37.43 13.22
C GLN A 272 -9.64 -35.93 13.45
N ALA A 273 -8.48 -35.27 13.34
CA ALA A 273 -8.43 -33.83 13.52
C ALA A 273 -9.30 -33.12 12.50
N PHE A 274 -9.24 -33.58 11.25
CA PHE A 274 -9.98 -32.94 10.16
C PHE A 274 -11.48 -33.14 10.26
N GLN A 275 -11.95 -33.82 11.31
CA GLN A 275 -13.40 -33.93 11.50
C GLN A 275 -14.01 -32.58 11.85
N ALA A 276 -13.21 -31.67 12.41
CA ALA A 276 -13.66 -30.32 12.73
C ALA A 276 -13.38 -29.33 11.60
N ALA A 277 -12.96 -29.81 10.44
CA ALA A 277 -12.44 -28.95 9.39
C ALA A 277 -13.28 -29.05 8.13
N LYS A 278 -13.47 -27.92 7.48
CA LYS A 278 -14.12 -27.83 6.18
C LYS A 278 -13.32 -26.89 5.28
N ILE A 279 -13.41 -27.13 3.97
CA ILE A 279 -12.60 -26.42 2.99
C ILE A 279 -13.52 -25.62 2.08
N ILE A 280 -13.20 -24.34 1.90
CA ILE A 280 -13.94 -23.46 1.01
C ILE A 280 -13.12 -23.26 -0.26
N THR A 281 -13.62 -23.72 -1.38
CA THR A 281 -12.94 -23.61 -2.67
C THR A 281 -13.84 -22.93 -3.69
N TYR A 282 -13.31 -22.74 -4.89
CA TYR A 282 -14.13 -22.31 -6.01
C TYR A 282 -14.93 -23.49 -6.55
N LYS A 283 -15.87 -23.19 -7.44
CA LYS A 283 -16.79 -24.19 -7.99
C LYS A 283 -16.30 -24.64 -9.37
N GLU A 284 -15.94 -25.93 -9.48
CA GLU A 284 -15.59 -26.49 -10.78
C GLU A 284 -16.80 -26.42 -11.71
N PRO A 285 -16.64 -25.90 -12.93
CA PRO A 285 -17.78 -25.79 -13.84
C PRO A 285 -18.37 -27.15 -14.21
N ASP A 286 -19.70 -27.25 -14.15
CA ASP A 286 -20.40 -28.51 -14.42
C ASP A 286 -20.61 -28.74 -15.90
N ASN A 287 -20.71 -27.67 -16.66
CA ASN A 287 -21.12 -27.80 -18.04
C ASN A 287 -20.07 -28.55 -18.84
N PRO A 288 -20.48 -29.42 -19.75
CA PRO A 288 -19.51 -30.18 -20.55
C PRO A 288 -18.78 -29.34 -21.57
N GLU A 289 -19.11 -28.05 -21.72
CA GLU A 289 -18.28 -27.19 -22.55
C GLU A 289 -16.94 -26.92 -21.88
N TYR A 290 -16.94 -26.86 -20.54
CA TYR A 290 -15.70 -26.72 -19.80
C TYR A 290 -14.76 -27.88 -20.12
N LEU A 291 -15.29 -29.11 -20.04
CA LEU A 291 -14.46 -30.28 -20.20
C LEU A 291 -13.87 -30.35 -21.61
N GLU A 292 -14.63 -29.88 -22.61
CA GLU A 292 -14.09 -29.80 -23.96
C GLU A 292 -13.04 -28.72 -24.05
N PHE A 293 -13.28 -27.59 -23.39
CA PHE A 293 -12.30 -26.53 -23.35
C PHE A 293 -10.99 -27.03 -22.77
N LEU A 294 -11.06 -27.64 -21.58
CA LEU A 294 -9.87 -28.22 -20.97
C LEU A 294 -9.13 -29.09 -21.97
N LYS A 295 -9.87 -29.98 -22.64
CA LYS A 295 -9.26 -30.87 -23.62
C LYS A 295 -8.56 -30.07 -24.72
N GLN A 296 -9.28 -29.14 -25.35
CA GLN A 296 -8.62 -28.32 -26.36
C GLN A 296 -7.49 -27.51 -25.76
N LEU A 297 -7.66 -27.05 -24.51
CA LEU A 297 -6.66 -26.20 -23.89
C LEU A 297 -5.38 -26.97 -23.64
N LYS A 298 -5.48 -28.19 -23.11
CA LYS A 298 -4.29 -28.98 -22.86
C LYS A 298 -3.57 -29.27 -24.17
N LEU A 299 -4.31 -29.67 -25.20
CA LEU A 299 -3.69 -29.96 -26.49
C LEU A 299 -2.96 -28.74 -27.02
N LEU A 300 -3.66 -27.62 -27.07
CA LEU A 300 -3.10 -26.44 -27.69
C LEU A 300 -1.88 -25.95 -26.91
N ALA A 301 -1.85 -26.15 -25.59
CA ALA A 301 -0.74 -25.67 -24.78
C ALA A 301 0.51 -26.53 -24.94
N ASP A 302 0.34 -27.87 -25.03
CA ASP A 302 1.48 -28.73 -25.31
C ASP A 302 2.06 -28.43 -26.68
N LYS A 303 1.20 -28.21 -27.67
CA LYS A 303 1.66 -28.06 -29.05
C LYS A 303 2.37 -26.73 -29.26
N LYS A 304 1.67 -25.62 -29.03
CA LYS A 304 2.19 -24.30 -29.35
C LYS A 304 3.00 -23.66 -28.23
N PHE A 305 2.83 -24.11 -27.00
CA PHE A 305 3.49 -23.46 -25.87
C PHE A 305 4.45 -24.38 -25.13
N ASN A 306 4.60 -25.64 -25.57
CA ASN A 306 5.53 -26.57 -24.93
C ASN A 306 5.32 -26.59 -23.41
N PHE A 307 4.04 -26.53 -22.99
CA PHE A 307 3.64 -26.57 -21.59
C PHE A 307 2.54 -27.59 -21.38
N THR A 308 2.56 -28.24 -20.21
CA THR A 308 1.60 -29.27 -19.84
C THR A 308 0.62 -28.73 -18.81
N VAL A 309 -0.66 -28.67 -19.17
CA VAL A 309 -1.70 -28.10 -18.32
C VAL A 309 -2.35 -29.21 -17.51
N GLU A 310 -1.97 -29.32 -16.25
CA GLU A 310 -2.59 -30.29 -15.36
C GLU A 310 -4.00 -29.84 -14.99
N ASP A 311 -4.80 -30.80 -14.54
CA ASP A 311 -6.18 -30.52 -14.18
C ASP A 311 -6.26 -29.89 -12.80
N GLY A 312 -7.17 -28.96 -12.63
CA GLY A 312 -7.32 -28.35 -11.33
C GLY A 312 -8.11 -27.08 -11.40
N LEU A 313 -8.44 -26.57 -10.21
CA LEU A 313 -9.27 -25.39 -10.12
C LEU A 313 -8.61 -24.18 -10.77
N LYS A 314 -7.27 -24.16 -10.84
CA LYS A 314 -6.57 -23.01 -11.42
C LYS A 314 -7.05 -22.73 -12.83
N ASN A 315 -7.55 -23.75 -13.53
CA ASN A 315 -7.88 -23.65 -14.93
C ASN A 315 -9.10 -22.78 -15.22
N ILE A 316 -9.91 -22.40 -14.20
CA ILE A 316 -10.96 -21.43 -14.46
C ILE A 316 -10.42 -20.04 -14.75
N ILE A 317 -9.14 -19.80 -14.46
CA ILE A 317 -8.53 -18.50 -14.76
C ILE A 317 -8.33 -18.40 -16.27
N PRO A 318 -7.55 -19.28 -16.91
CA PRO A 318 -7.52 -19.24 -18.37
C PRO A 318 -8.89 -19.37 -19.00
N ALA A 319 -9.76 -20.18 -18.41
CA ALA A 319 -11.12 -20.31 -18.93
C ALA A 319 -11.84 -18.97 -18.90
N SER A 320 -11.66 -18.20 -17.82
CA SER A 320 -12.33 -16.91 -17.72
C SER A 320 -11.65 -15.84 -18.56
N PHE A 321 -10.36 -15.98 -18.84
CA PHE A 321 -9.78 -15.15 -19.87
C PHE A 321 -10.41 -15.45 -21.22
N HIS A 322 -10.58 -16.75 -21.52
CA HIS A 322 -11.23 -17.12 -22.77
C HIS A 322 -12.62 -16.50 -22.85
N ASP A 323 -13.46 -16.74 -21.84
CA ASP A 323 -14.84 -16.24 -21.86
C ASP A 323 -14.88 -14.72 -21.84
N GLY A 324 -14.08 -14.09 -20.98
CA GLY A 324 -14.04 -12.62 -20.94
C GLY A 324 -13.64 -12.00 -22.25
N LEU A 325 -12.71 -12.61 -22.98
CA LEU A 325 -12.35 -12.10 -24.29
C LEU A 325 -13.50 -12.26 -25.29
N LEU A 326 -14.26 -13.34 -25.18
CA LEU A 326 -15.47 -13.46 -25.99
C LEU A 326 -16.47 -12.37 -25.61
N LEU A 327 -16.62 -12.12 -24.31
CA LEU A 327 -17.55 -11.10 -23.84
C LEU A 327 -17.26 -9.73 -24.43
N TYR A 328 -15.97 -9.43 -24.64
CA TYR A 328 -15.58 -8.14 -25.20
C TYR A 328 -15.88 -8.06 -26.69
N VAL A 329 -15.52 -9.10 -27.44
CA VAL A 329 -15.77 -9.08 -28.88
C VAL A 329 -17.26 -8.98 -29.18
N GLN A 330 -18.08 -9.67 -28.38
CA GLN A 330 -19.51 -9.46 -28.43
C GLN A 330 -19.83 -7.98 -28.32
N ALA A 331 -19.37 -7.34 -27.25
CA ALA A 331 -19.72 -5.95 -26.97
C ALA A 331 -19.15 -5.02 -28.03
N VAL A 332 -17.95 -5.30 -28.54
CA VAL A 332 -17.39 -4.46 -29.60
C VAL A 332 -18.19 -4.62 -30.89
N THR A 333 -18.52 -5.86 -31.24
CA THR A 333 -19.43 -6.05 -32.36
C THR A 333 -20.74 -5.30 -32.11
N GLU A 334 -21.29 -5.40 -30.91
CA GLU A 334 -22.50 -4.64 -30.57
C GLU A 334 -22.26 -3.15 -30.71
N THR A 335 -21.10 -2.67 -30.27
CA THR A 335 -20.79 -1.24 -30.36
C THR A 335 -20.62 -0.81 -31.81
N LEU A 336 -19.93 -1.63 -32.62
CA LEU A 336 -19.82 -1.30 -34.04
C LEU A 336 -21.20 -1.31 -34.72
N ALA A 337 -22.09 -2.21 -34.26
CA ALA A 337 -23.39 -2.41 -34.89
C ALA A 337 -24.34 -1.23 -34.68
N GLN A 338 -24.11 -0.42 -33.66
CA GLN A 338 -24.90 0.79 -33.43
C GLN A 338 -24.06 2.05 -33.67
N GLY A 339 -23.20 2.01 -34.69
CA GLY A 339 -22.48 3.18 -35.15
C GLY A 339 -21.27 3.58 -34.33
N GLY A 340 -20.95 2.85 -33.25
CA GLY A 340 -19.80 3.17 -32.44
C GLY A 340 -18.53 2.52 -32.93
N THR A 341 -17.41 2.99 -32.39
CA THR A 341 -16.10 2.46 -32.76
C THR A 341 -15.56 1.57 -31.67
N VAL A 342 -14.47 0.87 -31.99
CA VAL A 342 -13.84 -0.02 -31.01
C VAL A 342 -13.19 0.74 -29.87
N THR A 343 -13.10 2.07 -29.98
CA THR A 343 -12.49 2.92 -28.98
C THR A 343 -13.49 3.53 -28.02
N ASP A 344 -14.78 3.23 -28.20
CA ASP A 344 -15.82 3.73 -27.31
C ASP A 344 -15.82 2.88 -26.04
N GLY A 345 -14.71 3.01 -25.30
CA GLY A 345 -14.51 2.16 -24.14
C GLY A 345 -15.66 2.24 -23.16
N GLU A 346 -16.22 3.43 -22.97
CA GLU A 346 -17.31 3.57 -22.02
C GLU A 346 -18.55 2.83 -22.50
N ASN A 347 -18.91 3.01 -23.77
CA ASN A 347 -20.02 2.25 -24.34
C ASN A 347 -19.73 0.75 -24.30
N ILE A 348 -18.54 0.36 -24.77
CA ILE A 348 -18.15 -1.04 -24.81
C ILE A 348 -18.24 -1.68 -23.43
N THR A 349 -17.68 -1.02 -22.42
CA THR A 349 -17.62 -1.61 -21.09
C THR A 349 -19.02 -1.73 -20.47
N GLN A 350 -19.87 -0.72 -20.69
CA GLN A 350 -21.21 -0.76 -20.09
C GLN A 350 -22.06 -1.87 -20.68
N ARG A 351 -21.82 -2.22 -21.94
CA ARG A 351 -22.44 -3.42 -22.49
C ARG A 351 -22.01 -4.64 -21.71
N MET A 352 -20.71 -4.76 -21.42
CA MET A 352 -20.20 -5.93 -20.71
C MET A 352 -20.68 -5.96 -19.27
N TRP A 353 -20.92 -4.79 -18.70
CA TRP A 353 -21.32 -4.70 -17.32
C TRP A 353 -22.82 -4.87 -17.22
N ASN A 354 -23.24 -5.45 -16.10
CA ASN A 354 -24.61 -5.85 -15.87
C ASN A 354 -25.14 -6.63 -17.08
N ARG A 355 -24.70 -7.88 -17.13
CA ARG A 355 -24.94 -8.70 -18.31
C ARG A 355 -24.57 -10.14 -18.01
N SER A 356 -25.49 -11.05 -18.29
CA SER A 356 -25.22 -12.47 -18.22
C SER A 356 -24.63 -12.94 -19.54
N PHE A 357 -23.85 -14.00 -19.49
CA PHE A 357 -23.16 -14.47 -20.67
C PHE A 357 -22.93 -15.97 -20.55
N GLN A 358 -22.83 -16.64 -21.69
CA GLN A 358 -22.69 -18.08 -21.72
C GLN A 358 -21.37 -18.43 -22.41
N GLY A 359 -20.39 -18.82 -21.61
CA GLY A 359 -19.07 -19.16 -22.10
C GLY A 359 -18.65 -20.54 -21.64
N VAL A 360 -17.42 -20.92 -21.93
CA VAL A 360 -16.95 -22.26 -21.57
C VAL A 360 -17.12 -22.55 -20.07
N THR A 361 -17.16 -21.52 -19.20
CA THR A 361 -17.41 -21.76 -17.79
C THR A 361 -18.90 -21.79 -17.46
N GLY A 362 -19.76 -21.91 -18.46
CA GLY A 362 -21.19 -21.91 -18.24
C GLY A 362 -21.77 -20.53 -18.03
N TYR A 363 -22.65 -20.42 -17.03
CA TYR A 363 -23.29 -19.16 -16.74
C TYR A 363 -22.33 -18.28 -15.97
N LEU A 364 -22.09 -17.07 -16.48
CA LEU A 364 -21.27 -16.08 -15.79
C LEU A 364 -21.97 -14.74 -15.86
N LYS A 365 -22.01 -14.04 -14.72
CA LYS A 365 -22.72 -12.77 -14.59
C LYS A 365 -21.74 -11.68 -14.20
N ILE A 366 -21.56 -10.70 -15.08
CA ILE A 366 -20.81 -9.47 -14.79
C ILE A 366 -21.75 -8.54 -14.03
N ASP A 367 -21.49 -8.34 -12.74
CA ASP A 367 -22.39 -7.54 -11.90
C ASP A 367 -22.36 -6.07 -12.31
N ARG A 368 -23.17 -5.25 -11.63
CA ARG A 368 -23.26 -3.82 -11.91
C ARG A 368 -21.91 -3.14 -11.78
N ASN A 369 -20.99 -3.74 -11.03
CA ASN A 369 -19.70 -3.14 -10.80
C ASN A 369 -18.69 -3.46 -11.90
N GLY A 370 -18.89 -4.54 -12.65
CA GLY A 370 -17.89 -5.02 -13.57
C GLY A 370 -17.06 -6.19 -13.08
N ASP A 371 -17.59 -6.97 -12.14
CA ASP A 371 -16.88 -8.12 -11.59
C ASP A 371 -17.75 -9.36 -11.76
N ARG A 372 -17.19 -10.39 -12.39
CA ARG A 372 -17.86 -11.68 -12.49
C ARG A 372 -18.30 -12.15 -11.11
N ASP A 373 -19.54 -12.63 -11.03
CA ASP A 373 -19.98 -13.26 -9.81
C ASP A 373 -19.21 -14.56 -9.64
N THR A 374 -18.91 -14.89 -8.38
CA THR A 374 -18.05 -16.03 -8.10
C THR A 374 -18.88 -17.09 -7.39
N ASP A 375 -18.83 -18.32 -7.90
CA ASP A 375 -19.50 -19.46 -7.30
C ASP A 375 -18.50 -20.27 -6.47
N PHE A 376 -18.93 -20.67 -5.28
CA PHE A 376 -18.06 -21.36 -4.34
C PHE A 376 -18.60 -22.75 -4.04
N SER A 377 -17.70 -23.62 -3.60
CA SER A 377 -18.04 -24.97 -3.18
C SER A 377 -17.53 -25.17 -1.76
N LEU A 378 -18.29 -25.90 -0.96
CA LEU A 378 -17.87 -26.21 0.41
C LEU A 378 -17.65 -27.71 0.50
N TRP A 379 -16.48 -28.09 1.01
CA TRP A 379 -16.10 -29.49 1.14
C TRP A 379 -16.12 -29.90 2.61
N ASP A 380 -16.48 -31.17 2.81
CA ASP A 380 -16.65 -31.70 4.15
C ASP A 380 -16.24 -33.17 4.15
N MET A 381 -15.88 -33.66 5.33
CA MET A 381 -15.43 -35.03 5.49
C MET A 381 -16.63 -35.94 5.75
N ASP A 382 -16.76 -36.97 4.94
CA ASP A 382 -17.68 -38.05 5.23
C ASP A 382 -17.12 -38.85 6.40
N PRO A 383 -17.70 -38.74 7.59
CA PRO A 383 -17.08 -39.38 8.77
C PRO A 383 -16.87 -40.87 8.60
N GLU A 384 -17.58 -41.51 7.68
CA GLU A 384 -17.43 -42.94 7.47
C GLU A 384 -16.08 -43.25 6.83
N THR A 385 -15.86 -42.75 5.62
CA THR A 385 -14.62 -43.05 4.89
C THR A 385 -13.48 -42.12 5.27
N GLY A 386 -13.78 -40.88 5.63
CA GLY A 386 -12.77 -39.88 5.91
C GLY A 386 -12.43 -38.98 4.74
N ALA A 387 -12.91 -39.30 3.54
CA ALA A 387 -12.63 -38.48 2.37
C ALA A 387 -13.51 -37.24 2.35
N PHE A 388 -13.07 -36.23 1.61
CA PHE A 388 -13.80 -34.98 1.48
C PHE A 388 -14.61 -34.98 0.19
N ARG A 389 -15.74 -34.29 0.23
CA ARG A 389 -16.63 -34.21 -0.91
C ARG A 389 -17.45 -32.94 -0.77
N VAL A 390 -17.99 -32.47 -1.90
CA VAL A 390 -18.75 -31.22 -1.90
C VAL A 390 -20.12 -31.50 -1.29
N VAL A 391 -20.48 -30.70 -0.30
CA VAL A 391 -21.77 -30.81 0.37
C VAL A 391 -22.61 -29.55 0.22
N LEU A 392 -22.02 -28.42 -0.15
CA LEU A 392 -22.78 -27.21 -0.35
C LEU A 392 -22.28 -26.50 -1.59
N ASN A 393 -23.14 -25.73 -2.21
CA ASN A 393 -22.79 -24.97 -3.38
C ASN A 393 -23.46 -23.61 -3.31
N TYR A 394 -22.70 -22.58 -3.60
CA TYR A 394 -23.17 -21.20 -3.51
C TYR A 394 -23.22 -20.62 -4.92
N ASN A 395 -24.43 -20.46 -5.44
CA ASN A 395 -24.61 -19.71 -6.67
C ASN A 395 -24.38 -18.24 -6.36
N GLY A 396 -23.36 -17.65 -7.00
CA GLY A 396 -22.95 -16.31 -6.62
C GLY A 396 -23.87 -15.22 -7.14
N THR A 397 -24.52 -15.47 -8.28
CA THR A 397 -25.48 -14.50 -8.79
C THR A 397 -26.76 -14.49 -7.96
N SER A 398 -27.18 -15.66 -7.49
CA SER A 398 -28.39 -15.79 -6.69
C SER A 398 -28.13 -15.79 -5.19
N GLN A 399 -26.88 -16.01 -4.76
CA GLN A 399 -26.54 -16.06 -3.34
C GLN A 399 -27.35 -17.14 -2.62
N GLU A 400 -27.38 -18.33 -3.21
CA GLU A 400 -28.15 -19.45 -2.69
C GLU A 400 -27.26 -20.63 -2.38
N LEU A 401 -27.35 -21.12 -1.15
CA LEU A 401 -26.62 -22.31 -0.74
C LEU A 401 -27.48 -23.55 -1.02
N MET A 402 -27.05 -24.36 -1.98
CA MET A 402 -27.76 -25.55 -2.41
C MET A 402 -26.99 -26.79 -2.00
N ALA A 403 -27.68 -27.77 -1.41
CA ALA A 403 -27.02 -29.02 -1.01
C ALA A 403 -26.60 -29.81 -2.25
N VAL A 404 -25.55 -30.62 -2.08
CA VAL A 404 -24.88 -31.29 -3.20
C VAL A 404 -25.05 -32.79 -3.04
N SER A 405 -25.71 -33.42 -4.02
CA SER A 405 -25.92 -34.88 -4.03
C SER A 405 -26.56 -35.36 -2.73
N GLU A 406 -27.46 -34.54 -2.19
CA GLU A 406 -28.21 -34.86 -0.96
C GLU A 406 -27.28 -35.13 0.22
N HIS A 407 -26.14 -34.46 0.26
CA HIS A 407 -25.18 -34.67 1.33
C HIS A 407 -25.47 -33.75 2.50
N LYS A 408 -25.14 -34.25 3.69
CA LYS A 408 -25.36 -33.52 4.92
C LYS A 408 -24.01 -33.04 5.46
N LEU A 409 -23.94 -31.77 5.80
CA LEU A 409 -22.75 -31.20 6.42
C LEU A 409 -22.47 -31.90 7.74
N TYR A 410 -21.40 -32.68 7.82
CA TYR A 410 -21.08 -33.41 9.04
C TYR A 410 -20.82 -32.45 10.18
N TRP A 411 -21.47 -32.71 11.32
CA TRP A 411 -21.25 -32.01 12.58
C TRP A 411 -21.14 -33.05 13.68
N PRO A 412 -20.09 -33.00 14.50
CA PRO A 412 -20.01 -33.95 15.62
C PRO A 412 -21.17 -33.84 16.59
N LEU A 413 -21.81 -32.67 16.68
CA LEU A 413 -22.90 -32.41 17.61
C LEU A 413 -24.28 -32.56 16.96
N GLY A 414 -24.35 -33.01 15.71
CA GLY A 414 -25.59 -33.01 14.97
C GLY A 414 -26.01 -31.66 14.41
N TYR A 415 -25.41 -30.57 14.89
CA TYR A 415 -25.67 -29.23 14.37
C TYR A 415 -24.42 -28.38 14.58
N PRO A 416 -24.28 -27.29 13.83
CA PRO A 416 -23.09 -26.44 13.98
C PRO A 416 -22.95 -25.91 15.40
N PRO A 417 -21.73 -25.90 15.93
CA PRO A 417 -21.51 -25.32 17.26
C PRO A 417 -21.67 -23.82 17.22
N PRO A 418 -21.97 -23.20 18.37
CA PRO A 418 -22.27 -21.77 18.37
C PRO A 418 -21.00 -20.93 18.31
N ASP A 419 -21.11 -19.80 17.61
CA ASP A 419 -19.95 -18.95 17.39
C ASP A 419 -19.42 -18.36 18.69
N VAL A 420 -20.20 -18.43 19.77
CA VAL A 420 -19.74 -18.00 21.08
C VAL A 420 -19.93 -19.17 22.04
N PRO A 421 -19.00 -19.42 22.97
CA PRO A 421 -19.15 -20.54 23.89
C PRO A 421 -20.21 -20.29 24.97
N LYS A 422 -20.14 -21.06 26.05
CA LYS A 422 -21.15 -21.00 27.11
C LYS A 422 -21.11 -19.69 27.88
N CYS A 423 -20.31 -19.66 28.95
CA CYS A 423 -20.24 -18.49 29.83
C CYS A 423 -19.04 -17.64 29.43
N GLY A 424 -19.15 -17.06 28.23
CA GLY A 424 -18.09 -16.26 27.67
C GLY A 424 -16.91 -17.12 27.23
N PHE A 425 -15.94 -16.44 26.62
CA PHE A 425 -14.73 -17.12 26.20
C PHE A 425 -13.79 -17.45 27.37
N ASP A 426 -14.07 -16.95 28.56
CA ASP A 426 -13.25 -17.23 29.73
C ASP A 426 -13.59 -18.57 30.37
N SER B 1 28.21 17.40 -23.53
CA SER B 1 28.47 18.82 -23.33
C SER B 1 27.35 19.47 -22.54
N ASP B 2 26.28 18.71 -22.32
CA ASP B 2 25.11 19.20 -21.61
C ASP B 2 24.50 18.06 -20.80
N LEU B 3 24.01 18.39 -19.60
CA LEU B 3 23.49 17.43 -18.64
C LEU B 3 21.99 17.61 -18.49
N THR B 4 21.20 16.62 -18.92
CA THR B 4 19.75 16.74 -18.87
C THR B 4 19.23 16.31 -17.51
N VAL B 5 18.43 17.17 -16.89
CA VAL B 5 17.92 16.95 -15.54
C VAL B 5 16.41 16.95 -15.60
N ALA B 6 15.80 15.80 -15.31
CA ALA B 6 14.36 15.65 -15.36
C ALA B 6 13.73 15.91 -14.00
N VAL B 7 12.70 16.75 -13.98
CA VAL B 7 11.99 17.12 -12.77
C VAL B 7 10.58 16.58 -12.85
N VAL B 8 10.14 15.94 -11.77
CA VAL B 8 8.77 15.46 -11.64
C VAL B 8 8.26 16.06 -10.34
N LEU B 9 7.56 17.18 -10.45
CA LEU B 9 7.10 17.91 -9.29
C LEU B 9 5.74 18.51 -9.61
N PRO B 10 5.02 19.01 -8.60
CA PRO B 10 3.81 19.80 -8.86
C PRO B 10 4.12 21.09 -9.56
N LEU B 11 3.88 21.15 -10.86
CA LEU B 11 4.27 22.33 -11.62
C LEU B 11 3.23 23.44 -11.51
N THR B 12 1.99 23.10 -11.22
CA THR B 12 0.92 24.09 -11.18
C THR B 12 0.42 24.33 -9.76
N ASN B 13 0.13 23.26 -9.01
CA ASN B 13 -0.24 23.41 -7.61
C ASN B 13 0.95 23.95 -6.84
N THR B 14 0.71 25.00 -6.05
CA THR B 14 1.77 25.63 -5.28
C THR B 14 1.65 25.34 -3.79
N SER B 15 0.67 24.54 -3.37
CA SER B 15 0.46 24.27 -1.96
C SER B 15 1.53 23.37 -1.36
N TYR B 16 2.34 22.74 -2.18
CA TYR B 16 3.29 21.76 -1.68
C TYR B 16 4.63 22.42 -1.35
N PRO B 17 5.30 21.96 -0.29
CA PRO B 17 6.64 22.46 -0.01
C PRO B 17 7.60 22.23 -1.16
N TRP B 18 7.43 21.13 -1.90
CA TRP B 18 8.16 20.84 -3.13
C TRP B 18 7.39 21.26 -4.38
N SER B 19 6.55 22.29 -4.29
CA SER B 19 5.91 22.80 -5.49
C SER B 19 6.94 23.49 -6.37
N TRP B 20 6.71 23.42 -7.68
CA TRP B 20 7.69 24.01 -8.56
C TRP B 20 7.78 25.50 -8.39
N ALA B 21 6.66 26.15 -8.03
CA ALA B 21 6.68 27.58 -7.80
C ALA B 21 7.58 27.95 -6.64
N ARG B 22 7.96 26.99 -5.81
CA ARG B 22 8.89 27.21 -4.73
C ARG B 22 10.22 26.51 -4.96
N VAL B 23 10.20 25.31 -5.55
CA VAL B 23 11.47 24.64 -5.78
C VAL B 23 12.14 25.18 -7.05
N GLY B 24 11.34 25.50 -8.08
CA GLY B 24 11.85 26.01 -9.32
C GLY B 24 12.88 27.11 -9.19
N PRO B 25 12.53 28.18 -8.47
CA PRO B 25 13.53 29.23 -8.24
C PRO B 25 14.73 28.75 -7.43
N ALA B 26 14.50 27.97 -6.37
CA ALA B 26 15.60 27.37 -5.64
C ALA B 26 16.51 26.56 -6.54
N VAL B 27 15.99 26.04 -7.65
CA VAL B 27 16.82 25.32 -8.59
C VAL B 27 17.54 26.29 -9.50
N GLU B 28 16.81 27.31 -10.00
CA GLU B 28 17.44 28.36 -10.78
C GLU B 28 18.68 28.91 -10.07
N LEU B 29 18.56 29.14 -8.76
CA LEU B 29 19.70 29.63 -7.98
C LEU B 29 20.86 28.65 -8.02
N ALA B 30 20.57 27.35 -7.84
CA ALA B 30 21.64 26.36 -7.85
C ALA B 30 22.27 26.23 -9.23
N LEU B 31 21.46 26.31 -10.29
CA LEU B 31 22.05 26.30 -11.63
C LEU B 31 22.91 27.52 -11.87
N ALA B 32 22.48 28.67 -11.35
CA ALA B 32 23.26 29.89 -11.51
C ALA B 32 24.62 29.78 -10.83
N ARG B 33 24.66 29.18 -9.64
CA ARG B 33 25.94 29.03 -8.95
C ARG B 33 26.87 28.06 -9.67
N VAL B 34 26.31 27.07 -10.37
CA VAL B 34 27.14 26.11 -11.09
C VAL B 34 27.83 26.79 -12.26
N LYS B 35 27.11 27.66 -12.96
CA LYS B 35 27.69 28.33 -14.13
C LYS B 35 28.84 29.24 -13.72
N ALA B 36 28.74 29.87 -12.53
CA ALA B 36 29.76 30.76 -11.99
C ALA B 36 30.89 30.03 -11.28
N ARG B 37 30.73 28.76 -11.01
CA ARG B 37 31.82 27.98 -10.44
C ARG B 37 32.59 27.37 -11.59
N PRO B 38 33.84 27.78 -11.82
CA PRO B 38 34.65 27.11 -12.85
C PRO B 38 35.06 25.71 -12.43
N ASP B 39 35.01 25.40 -11.13
CA ASP B 39 35.34 24.09 -10.58
C ASP B 39 34.18 23.10 -10.63
N LEU B 40 32.98 23.57 -10.97
CA LEU B 40 31.80 22.70 -11.09
C LEU B 40 31.44 22.61 -12.55
N LEU B 41 31.47 21.36 -13.09
CA LEU B 41 31.15 20.99 -14.47
C LEU B 41 31.63 22.07 -15.42
N PRO B 42 32.92 22.08 -15.74
CA PRO B 42 33.47 23.16 -16.55
C PRO B 42 33.06 22.98 -18.01
N GLY B 43 32.48 24.04 -18.59
CA GLY B 43 32.04 24.05 -19.97
C GLY B 43 30.69 23.39 -20.23
N TRP B 44 30.10 22.74 -19.22
CA TRP B 44 28.83 22.06 -19.33
C TRP B 44 27.66 23.03 -19.28
N THR B 45 26.61 22.71 -20.04
CA THR B 45 25.38 23.48 -20.08
C THR B 45 24.25 22.56 -19.62
N VAL B 46 23.99 22.56 -18.31
CA VAL B 46 23.02 21.67 -17.68
C VAL B 46 21.60 22.10 -18.09
N ARG B 47 20.89 21.24 -18.83
CA ARG B 47 19.52 21.50 -19.23
C ARG B 47 18.53 20.92 -18.21
N MET B 48 17.27 21.34 -18.36
CA MET B 48 16.22 20.87 -17.47
C MET B 48 14.94 20.69 -18.25
N VAL B 49 14.35 19.50 -18.09
CA VAL B 49 13.06 19.17 -18.69
C VAL B 49 12.11 18.84 -17.54
N LEU B 50 10.90 19.39 -17.61
CA LEU B 50 10.00 19.37 -16.45
C LEU B 50 8.83 18.42 -16.68
N GLY B 51 8.27 17.95 -15.57
CA GLY B 51 7.12 17.07 -15.59
C GLY B 51 6.22 17.27 -14.39
N SER B 52 4.93 17.39 -14.65
CA SER B 52 3.97 17.60 -13.57
C SER B 52 3.68 16.26 -12.90
N SER B 53 4.01 16.18 -11.62
CA SER B 53 3.60 15.03 -10.83
C SER B 53 2.10 15.02 -10.60
N GLU B 54 1.40 16.09 -10.93
CA GLU B 54 0.01 16.19 -10.56
C GLU B 54 -0.90 15.71 -11.68
N ASN B 55 -2.05 15.20 -11.26
CA ASN B 55 -3.09 14.72 -12.16
C ASN B 55 -3.96 15.86 -12.65
N ALA B 56 -5.16 15.49 -13.10
CA ALA B 56 -6.08 16.48 -13.62
C ALA B 56 -6.52 17.45 -12.53
N ALA B 57 -6.94 16.93 -11.38
CA ALA B 57 -7.46 17.77 -10.32
C ALA B 57 -6.39 18.63 -9.66
N GLY B 58 -5.12 18.46 -10.02
CA GLY B 58 -4.04 19.28 -9.49
C GLY B 58 -3.31 18.72 -8.29
N VAL B 59 -3.81 17.65 -7.69
CA VAL B 59 -3.07 16.95 -6.64
C VAL B 59 -2.01 16.08 -7.28
N CYS B 60 -0.98 15.76 -6.52
CA CYS B 60 0.06 14.89 -7.04
C CYS B 60 -0.47 13.45 -7.04
N SER B 61 -0.27 12.76 -8.15
CA SER B 61 -0.93 11.51 -8.49
C SER B 61 0.06 10.35 -8.57
N ASP B 62 -0.28 9.23 -7.92
CA ASP B 62 0.40 7.96 -8.15
C ASP B 62 0.32 7.47 -9.60
N THR B 63 -0.35 8.22 -10.48
CA THR B 63 -0.43 7.89 -11.90
C THR B 63 0.20 8.95 -12.76
N ALA B 64 -0.16 10.22 -12.55
CA ALA B 64 0.39 11.28 -13.38
C ALA B 64 1.91 11.30 -13.29
N ALA B 65 2.45 11.16 -12.08
CA ALA B 65 3.88 11.32 -11.86
C ALA B 65 4.71 10.25 -12.57
N PRO B 66 4.36 8.95 -12.48
CA PRO B 66 5.16 7.98 -13.24
C PRO B 66 4.96 8.11 -14.74
N LEU B 67 3.74 8.40 -15.17
CA LEU B 67 3.53 8.66 -16.59
C LEU B 67 4.40 9.81 -17.05
N ALA B 68 4.44 10.90 -16.29
CA ALA B 68 5.35 12.00 -16.57
C ALA B 68 6.80 11.52 -16.65
N ALA B 69 7.22 10.70 -15.68
CA ALA B 69 8.62 10.26 -15.63
C ALA B 69 9.01 9.46 -16.86
N VAL B 70 8.05 8.87 -17.55
CA VAL B 70 8.38 8.05 -18.71
C VAL B 70 8.56 8.92 -19.94
N ASP B 71 7.74 9.97 -20.08
CA ASP B 71 7.89 10.84 -21.22
C ASP B 71 9.21 11.57 -21.17
N LEU B 72 9.67 11.90 -19.97
CA LEU B 72 10.97 12.56 -19.85
C LEU B 72 12.11 11.60 -20.15
N LYS B 73 11.94 10.32 -19.83
CA LYS B 73 13.01 9.36 -20.10
C LYS B 73 13.12 9.06 -21.58
N TRP B 74 12.01 8.78 -22.24
N TRP B 74 12.00 8.77 -22.23
CA TRP B 74 12.04 8.37 -23.63
CA TRP B 74 12.05 8.37 -23.63
C TRP B 74 12.16 9.54 -24.60
C TRP B 74 12.34 9.54 -24.55
N GLU B 75 12.09 10.77 -24.11
CA GLU B 75 12.26 11.93 -24.96
C GLU B 75 13.62 12.60 -24.79
N HIS B 76 14.20 12.59 -23.60
CA HIS B 76 15.44 13.33 -23.36
C HIS B 76 16.57 12.48 -22.80
N SER B 77 16.29 11.29 -22.30
CA SER B 77 17.24 10.48 -21.56
C SER B 77 17.97 11.39 -20.59
N PRO B 78 17.31 11.83 -19.52
CA PRO B 78 18.00 12.64 -18.52
C PRO B 78 19.01 11.80 -17.76
N ALA B 79 19.92 12.49 -17.09
CA ALA B 79 20.93 11.81 -16.30
C ALA B 79 20.50 11.65 -14.86
N VAL B 80 19.53 12.44 -14.43
CA VAL B 80 19.13 12.43 -13.03
C VAL B 80 17.70 12.96 -12.95
N PHE B 81 16.99 12.52 -11.91
CA PHE B 81 15.65 12.97 -11.66
C PHE B 81 15.60 13.82 -10.40
N LEU B 82 14.68 14.76 -10.41
CA LEU B 82 14.47 15.71 -9.34
C LEU B 82 13.01 15.61 -8.95
N GLY B 83 12.75 15.43 -7.66
CA GLY B 83 11.42 15.09 -7.21
C GLY B 83 11.13 13.64 -7.54
N PRO B 84 9.90 13.17 -7.28
CA PRO B 84 8.80 13.93 -6.66
C PRO B 84 8.93 14.12 -5.15
N GLY B 85 8.11 15.00 -4.61
CA GLY B 85 8.07 15.22 -3.18
C GLY B 85 6.99 14.40 -2.50
N CYS B 86 5.91 14.12 -3.21
CA CYS B 86 4.83 13.33 -2.65
C CYS B 86 5.25 11.87 -2.54
N VAL B 87 4.93 11.25 -1.41
CA VAL B 87 5.31 9.86 -1.18
C VAL B 87 4.71 8.96 -2.25
N TYR B 88 3.40 9.07 -2.45
CA TYR B 88 2.70 8.21 -3.40
C TYR B 88 3.01 8.56 -4.85
N SER B 89 3.60 9.71 -5.10
CA SER B 89 4.15 10.01 -6.41
C SER B 89 5.57 9.49 -6.55
N ALA B 90 6.35 9.62 -5.48
CA ALA B 90 7.76 9.27 -5.54
C ALA B 90 7.94 7.77 -5.66
N ALA B 91 7.17 6.99 -4.90
CA ALA B 91 7.38 5.54 -4.83
C ALA B 91 7.38 4.93 -6.23
N PRO B 92 6.34 5.15 -7.05
CA PRO B 92 6.40 4.60 -8.43
C PRO B 92 7.52 5.16 -9.28
N VAL B 93 7.75 6.47 -9.26
CA VAL B 93 8.85 6.99 -10.04
C VAL B 93 10.19 6.46 -9.52
N GLY B 94 10.26 6.14 -8.23
CA GLY B 94 11.51 5.62 -7.70
C GLY B 94 11.83 4.25 -8.25
N ARG B 95 10.82 3.39 -8.34
N ARG B 95 10.81 3.39 -8.33
CA ARG B 95 11.02 2.07 -8.91
CA ARG B 95 11.01 2.06 -8.91
C ARG B 95 11.36 2.15 -10.39
C ARG B 95 11.37 2.15 -10.39
N PHE B 96 10.96 3.22 -11.06
CA PHE B 96 11.30 3.38 -12.46
C PHE B 96 12.73 3.86 -12.64
N THR B 97 13.16 4.82 -11.82
CA THR B 97 14.54 5.30 -11.93
C THR B 97 15.51 4.24 -11.43
N ALA B 98 15.13 3.52 -10.38
CA ALA B 98 15.99 2.45 -9.88
C ALA B 98 16.17 1.37 -10.94
N HIS B 99 15.13 1.08 -11.70
CA HIS B 99 15.26 0.15 -12.81
C HIS B 99 16.12 0.76 -13.92
N TRP B 100 15.88 2.02 -14.26
CA TRP B 100 16.59 2.69 -15.33
C TRP B 100 18.07 2.98 -15.01
N ARG B 101 18.51 2.70 -13.78
CA ARG B 101 19.88 3.01 -13.34
C ARG B 101 20.17 4.50 -13.42
N VAL B 102 19.18 5.32 -13.06
CA VAL B 102 19.29 6.77 -13.10
C VAL B 102 19.15 7.29 -11.68
N PRO B 103 20.02 8.18 -11.23
CA PRO B 103 19.88 8.70 -9.87
C PRO B 103 18.61 9.52 -9.73
N LEU B 104 18.08 9.52 -8.52
CA LEU B 104 16.92 10.33 -8.22
C LEU B 104 17.20 11.15 -6.97
N LEU B 105 16.95 12.45 -7.05
CA LEU B 105 17.16 13.38 -5.95
C LEU B 105 15.83 13.99 -5.54
N THR B 106 15.57 13.98 -4.25
CA THR B 106 14.39 14.68 -3.77
C THR B 106 14.58 15.06 -2.32
N ALA B 107 14.00 16.21 -1.96
CA ALA B 107 13.90 16.65 -0.58
C ALA B 107 12.67 16.09 0.11
N GLY B 108 11.66 15.70 -0.67
CA GLY B 108 10.48 15.05 -0.12
C GLY B 108 10.67 13.57 0.06
N ALA B 109 9.63 12.80 -0.23
CA ALA B 109 9.64 11.34 -0.10
C ALA B 109 10.11 10.83 1.28
N PRO B 110 9.57 11.36 2.37
CA PRO B 110 10.12 11.07 3.71
C PRO B 110 9.74 9.72 4.30
N ALA B 111 9.06 8.84 3.58
CA ALA B 111 8.42 7.71 4.21
C ALA B 111 9.43 6.65 4.61
N LEU B 112 8.96 5.73 5.45
CA LEU B 112 9.84 4.64 5.87
C LEU B 112 10.28 3.79 4.68
N GLY B 113 9.36 3.48 3.77
CA GLY B 113 9.68 2.56 2.68
C GLY B 113 10.72 3.08 1.70
N ILE B 114 10.80 4.40 1.51
CA ILE B 114 11.77 4.94 0.57
C ILE B 114 13.18 4.65 1.05
N GLY B 115 13.35 4.49 2.37
CA GLY B 115 14.59 4.07 2.98
C GLY B 115 15.15 2.76 2.44
N VAL B 116 14.30 1.90 1.89
CA VAL B 116 14.81 0.64 1.36
C VAL B 116 15.44 0.86 -0.02
N LYS B 117 16.76 1.09 -0.03
CA LYS B 117 17.46 1.38 -1.26
C LYS B 117 17.81 0.14 -2.06
N ASP B 118 17.55 -1.05 -1.53
CA ASP B 118 17.55 -2.25 -2.39
C ASP B 118 16.47 -2.14 -3.44
N GLU B 119 15.32 -1.57 -3.09
N GLU B 119 15.33 -1.57 -3.08
CA GLU B 119 14.28 -1.29 -4.07
CA GLU B 119 14.26 -1.28 -4.03
C GLU B 119 14.50 0.07 -4.73
C GLU B 119 14.50 0.06 -4.73
N TYR B 120 14.67 1.13 -3.95
CA TYR B 120 14.88 2.47 -4.49
C TYR B 120 16.38 2.75 -4.57
N ALA B 121 17.04 1.99 -5.43
CA ALA B 121 18.45 2.25 -5.67
C ALA B 121 18.62 3.55 -6.44
N LEU B 122 19.76 4.22 -6.20
CA LEU B 122 20.10 5.51 -6.78
C LEU B 122 19.13 6.61 -6.39
N THR B 123 18.43 6.44 -5.29
CA THR B 123 17.49 7.43 -4.79
C THR B 123 18.11 8.05 -3.56
N THR B 124 18.54 9.30 -3.70
CA THR B 124 19.24 10.02 -2.64
C THR B 124 18.31 11.08 -2.07
N ARG B 125 18.05 11.01 -0.76
CA ARG B 125 17.10 11.90 -0.09
C ARG B 125 17.86 13.00 0.63
N THR B 126 17.81 14.20 0.08
CA THR B 126 18.49 15.34 0.70
C THR B 126 17.60 16.13 1.64
N GLY B 127 16.35 15.68 1.84
CA GLY B 127 15.47 16.31 2.79
C GLY B 127 15.25 15.44 4.01
N PRO B 128 14.27 15.81 4.81
CA PRO B 128 13.92 15.02 6.00
C PRO B 128 13.42 13.61 5.66
N SER B 129 13.74 12.67 6.54
CA SER B 129 13.21 11.31 6.54
C SER B 129 12.51 11.06 7.85
N HIS B 130 11.42 10.30 7.81
CA HIS B 130 10.63 10.13 9.02
C HIS B 130 11.31 9.17 9.97
N VAL B 131 12.04 8.19 9.45
CA VAL B 131 12.91 7.37 10.29
C VAL B 131 13.77 8.27 11.18
N LYS B 132 14.26 9.39 10.63
CA LYS B 132 15.06 10.33 11.41
C LYS B 132 14.28 10.91 12.57
N LEU B 133 12.95 11.02 12.44
CA LEU B 133 12.14 11.45 13.57
C LEU B 133 12.19 10.43 14.70
N GLY B 134 12.26 9.14 14.36
CA GLY B 134 12.49 8.13 15.37
C GLY B 134 13.76 8.39 16.16
N ASP B 135 14.84 8.76 15.46
CA ASP B 135 16.09 9.07 16.13
C ASP B 135 15.90 10.15 17.19
N PHE B 136 15.22 11.25 16.84
CA PHE B 136 15.02 12.30 17.82
C PHE B 136 14.14 11.82 18.97
N VAL B 137 13.11 11.04 18.68
CA VAL B 137 12.28 10.54 19.77
C VAL B 137 13.10 9.61 20.66
N THR B 138 14.01 8.83 20.05
CA THR B 138 14.86 7.93 20.82
C THR B 138 15.75 8.72 21.77
N ALA B 139 16.49 9.68 21.23
CA ALA B 139 17.30 10.55 22.08
C ALA B 139 16.45 11.20 23.16
N LEU B 140 15.25 11.65 22.80
CA LEU B 140 14.40 12.36 23.76
C LEU B 140 13.91 11.45 24.87
N HIS B 141 13.71 10.17 24.58
CA HIS B 141 13.30 9.25 25.62
C HIS B 141 14.47 8.83 26.49
N ARG B 142 15.63 8.58 25.87
CA ARG B 142 16.80 8.17 26.62
C ARG B 142 17.24 9.27 27.58
N ARG B 143 17.16 10.53 27.17
CA ARG B 143 17.57 11.65 27.99
C ARG B 143 16.41 12.22 28.81
N LEU B 144 15.37 11.42 29.06
CA LEU B 144 14.26 11.89 29.90
C LEU B 144 13.61 10.80 30.74
N GLY B 145 14.08 9.56 30.68
CA GLY B 145 13.67 8.55 31.63
C GLY B 145 12.42 7.79 31.28
N TRP B 146 12.00 7.83 30.02
CA TRP B 146 10.81 7.14 29.57
C TRP B 146 11.27 5.90 28.81
N GLU B 147 11.12 4.74 29.43
CA GLU B 147 11.61 3.52 28.78
C GLU B 147 10.58 2.41 28.87
N HIS B 148 9.30 2.76 28.85
CA HIS B 148 8.25 1.77 29.02
C HIS B 148 7.18 1.90 27.95
N GLN B 149 6.39 2.98 28.02
CA GLN B 149 5.14 3.07 27.30
C GLN B 149 4.89 4.48 26.79
N ALA B 150 4.45 4.59 25.54
CA ALA B 150 4.09 5.86 24.94
C ALA B 150 2.89 5.67 24.04
N LEU B 151 2.18 6.78 23.77
CA LEU B 151 0.93 6.76 23.03
C LEU B 151 0.98 7.73 21.85
N VAL B 152 0.51 7.28 20.68
CA VAL B 152 0.54 8.06 19.45
C VAL B 152 -0.88 8.20 18.89
N LEU B 153 -1.24 9.42 18.50
CA LEU B 153 -2.52 9.71 17.85
C LEU B 153 -2.23 10.45 16.55
N TYR B 154 -2.88 10.02 15.47
CA TYR B 154 -2.62 10.63 14.19
C TYR B 154 -3.90 10.61 13.37
N ALA B 155 -4.06 11.63 12.54
CA ALA B 155 -5.21 11.76 11.68
C ALA B 155 -4.75 12.12 10.29
N ASP B 156 -5.59 11.79 9.32
CA ASP B 156 -5.31 12.14 7.95
C ASP B 156 -6.61 12.44 7.23
N ARG B 157 -6.57 13.45 6.36
CA ARG B 157 -7.63 13.69 5.39
C ARG B 157 -7.56 12.62 4.31
N LEU B 158 -8.69 11.99 3.99
CA LEU B 158 -8.68 10.91 3.01
C LEU B 158 -8.30 11.44 1.63
N GLY B 159 -7.46 10.68 0.92
CA GLY B 159 -7.08 11.02 -0.43
C GLY B 159 -5.91 11.97 -0.58
N ASP B 160 -5.30 12.39 0.53
CA ASP B 160 -4.09 13.19 0.46
C ASP B 160 -2.87 12.29 0.31
N ASP B 161 -1.68 12.82 0.61
CA ASP B 161 -0.44 12.06 0.67
C ASP B 161 -0.26 11.31 2.00
N ARG B 162 -1.27 11.34 2.89
CA ARG B 162 -1.27 10.63 4.17
C ARG B 162 -0.10 11.02 5.08
N PRO B 163 0.09 12.31 5.33
CA PRO B 163 1.36 12.72 5.92
C PRO B 163 1.55 12.24 7.35
N CYS B 164 0.51 12.33 8.18
CA CYS B 164 0.65 11.90 9.56
C CYS B 164 0.85 10.39 9.67
N PHE B 165 0.40 9.62 8.71
CA PHE B 165 0.71 8.20 8.74
C PHE B 165 2.21 7.99 8.69
N PHE B 166 2.83 8.45 7.60
CA PHE B 166 4.23 8.10 7.35
C PHE B 166 5.14 8.67 8.40
N ILE B 167 4.73 9.80 8.99
CA ILE B 167 5.40 10.38 10.14
C ILE B 167 5.34 9.43 11.33
N VAL B 168 4.16 8.89 11.62
CA VAL B 168 4.05 7.90 12.68
C VAL B 168 4.67 6.56 12.26
N GLU B 169 4.55 6.15 10.99
CA GLU B 169 5.26 4.94 10.54
C GLU B 169 6.75 5.06 10.80
N GLY B 170 7.37 6.16 10.36
CA GLY B 170 8.81 6.32 10.57
C GLY B 170 9.19 6.45 12.03
N LEU B 171 8.28 6.98 12.85
CA LEU B 171 8.57 7.13 14.27
C LEU B 171 8.40 5.81 15.01
N TYR B 172 7.29 5.11 14.76
CA TYR B 172 7.02 3.81 15.38
C TYR B 172 8.12 2.82 15.05
N MET B 173 8.43 2.66 13.75
CA MET B 173 9.36 1.63 13.34
C MET B 173 10.76 1.88 13.87
N ARG B 174 11.23 3.13 13.85
CA ARG B 174 12.59 3.41 14.29
C ARG B 174 12.72 3.47 15.81
N VAL B 175 11.64 3.76 16.54
CA VAL B 175 11.76 3.81 18.00
C VAL B 175 11.63 2.42 18.60
N ARG B 176 10.81 1.56 18.03
CA ARG B 176 10.78 0.18 18.50
C ARG B 176 11.97 -0.61 18.00
N GLU B 177 12.61 -0.15 16.92
CA GLU B 177 13.85 -0.76 16.45
C GLU B 177 14.98 -0.55 17.46
N ARG B 178 14.95 0.56 18.20
CA ARG B 178 16.05 0.95 19.06
C ARG B 178 15.77 0.81 20.55
N LEU B 179 14.50 0.77 20.98
CA LEU B 179 14.17 0.68 22.39
C LEU B 179 13.29 -0.51 22.77
N ASN B 180 12.55 -1.09 21.83
CA ASN B 180 11.69 -2.25 22.08
C ASN B 180 10.70 -2.01 23.23
N ILE B 181 10.24 -0.76 23.39
CA ILE B 181 9.26 -0.42 24.40
C ILE B 181 7.87 -0.39 23.77
N THR B 182 6.84 -0.31 24.63
CA THR B 182 5.47 -0.36 24.16
C THR B 182 5.06 0.99 23.59
N VAL B 183 4.65 0.99 22.32
CA VAL B 183 4.26 2.19 21.60
C VAL B 183 2.85 1.95 21.06
N ASN B 184 1.87 2.54 21.71
CA ASN B 184 0.49 2.39 21.27
C ASN B 184 0.13 3.48 20.28
N HIS B 185 -0.66 3.10 19.27
CA HIS B 185 -1.07 3.98 18.19
C HIS B 185 -2.58 3.93 17.99
N GLN B 186 -3.13 5.05 17.53
CA GLN B 186 -4.55 5.13 17.18
C GLN B 186 -4.77 6.19 16.12
N GLU B 187 -5.39 5.79 15.01
CA GLU B 187 -5.76 6.73 13.95
C GLU B 187 -7.13 7.31 14.24
N PHE B 188 -7.34 8.52 13.74
CA PHE B 188 -8.62 9.20 13.89
C PHE B 188 -8.81 10.14 12.71
N VAL B 189 -9.98 10.76 12.69
CA VAL B 189 -10.38 11.69 11.65
C VAL B 189 -10.77 12.98 12.32
N GLU B 190 -10.23 14.09 11.83
CA GLU B 190 -10.41 15.36 12.54
C GLU B 190 -11.86 15.83 12.49
N GLY B 191 -12.48 15.81 11.31
CA GLY B 191 -13.84 16.28 11.18
C GLY B 191 -14.92 15.40 11.78
N ASP B 192 -14.57 14.27 12.41
CA ASP B 192 -15.56 13.35 12.95
C ASP B 192 -15.61 13.51 14.46
N PRO B 193 -16.69 14.07 15.02
CA PRO B 193 -16.78 14.20 16.47
C PRO B 193 -16.89 12.88 17.20
N ASP B 194 -17.24 11.80 16.49
CA ASP B 194 -17.42 10.50 17.15
C ASP B 194 -16.12 9.95 17.70
N HIS B 195 -14.98 10.42 17.17
CA HIS B 195 -13.68 9.90 17.58
C HIS B 195 -13.15 10.55 18.84
N TYR B 196 -13.54 11.79 19.10
CA TYR B 196 -12.97 12.49 20.24
C TYR B 196 -13.29 11.79 21.57
N PRO B 197 -14.50 11.24 21.77
CA PRO B 197 -14.67 10.39 22.96
C PRO B 197 -13.71 9.23 22.98
N LYS B 198 -13.45 8.63 21.82
CA LYS B 198 -12.54 7.50 21.76
C LYS B 198 -11.13 7.92 22.13
N LEU B 199 -10.70 9.10 21.67
CA LEU B 199 -9.34 9.58 21.88
C LEU B 199 -9.09 9.89 23.36
N LEU B 200 -9.98 10.68 23.98
CA LEU B 200 -9.79 11.03 25.38
C LEU B 200 -9.78 9.78 26.26
N ARG B 201 -10.60 8.78 25.91
CA ARG B 201 -10.56 7.50 26.61
C ARG B 201 -9.17 6.87 26.50
N ALA B 202 -8.60 6.87 25.29
CA ALA B 202 -7.32 6.22 25.08
C ALA B 202 -6.18 6.99 25.70
N VAL B 203 -6.32 8.31 25.83
CA VAL B 203 -5.27 9.13 26.40
C VAL B 203 -4.95 8.68 27.81
N ARG B 204 -5.98 8.54 28.64
CA ARG B 204 -5.77 8.20 30.03
C ARG B 204 -5.76 6.70 30.27
N ARG B 205 -5.58 5.89 29.24
CA ARG B 205 -5.46 4.46 29.44
C ARG B 205 -4.27 3.85 28.74
N LYS B 206 -3.76 4.44 27.68
CA LYS B 206 -2.74 3.81 26.85
C LYS B 206 -1.39 4.50 26.98
N GLY B 207 -1.22 5.38 27.93
CA GLY B 207 0.08 5.98 28.15
C GLY B 207 -0.04 7.38 28.73
N ARG B 208 1.09 7.89 29.17
CA ARG B 208 1.22 9.26 29.65
C ARG B 208 2.06 10.12 28.74
N VAL B 209 3.11 9.52 28.17
CA VAL B 209 3.86 10.17 27.10
C VAL B 209 3.05 10.02 25.83
N ILE B 210 2.53 11.14 25.34
CA ILE B 210 1.55 11.14 24.27
C ILE B 210 2.06 12.03 23.15
N TYR B 211 2.17 11.45 21.96
CA TYR B 211 2.52 12.16 20.72
C TYR B 211 1.28 12.25 19.84
N ILE B 212 1.01 13.45 19.32
CA ILE B 212 -0.13 13.69 18.43
C ILE B 212 0.37 14.31 17.13
N CYS B 213 0.00 13.71 16.01
CA CYS B 213 0.23 14.26 14.68
C CYS B 213 -1.15 14.68 14.15
N SER B 214 -1.42 15.98 14.17
CA SER B 214 -2.70 16.47 13.70
C SER B 214 -2.53 17.90 13.24
N SER B 215 -3.62 18.48 12.76
CA SER B 215 -3.64 19.89 12.48
C SER B 215 -3.50 20.67 13.79
N PRO B 216 -3.14 21.94 13.70
CA PRO B 216 -3.09 22.75 14.92
C PRO B 216 -4.43 22.83 15.64
N ASP B 217 -5.51 23.00 14.89
CA ASP B 217 -6.82 23.11 15.51
C ASP B 217 -7.22 21.82 16.22
N ALA B 218 -6.88 20.67 15.62
CA ALA B 218 -7.21 19.39 16.24
C ALA B 218 -6.41 19.17 17.51
N PHE B 219 -5.10 19.43 17.45
CA PHE B 219 -4.27 19.31 18.64
C PHE B 219 -4.71 20.28 19.73
N ARG B 220 -5.13 21.49 19.36
CA ARG B 220 -5.64 22.41 20.37
C ARG B 220 -6.91 21.87 21.02
N ASN B 221 -7.91 21.50 20.21
CA ASN B 221 -9.16 20.98 20.74
C ASN B 221 -8.93 19.79 21.68
N LEU B 222 -8.03 18.89 21.29
CA LEU B 222 -7.65 17.79 22.17
C LEU B 222 -7.10 18.30 23.49
N MET B 223 -6.26 19.35 23.46
CA MET B 223 -5.71 19.87 24.70
C MET B 223 -6.80 20.42 25.59
N LEU B 224 -7.77 21.14 25.01
CA LEU B 224 -8.90 21.66 25.78
C LEU B 224 -9.70 20.54 26.40
N LEU B 225 -9.98 19.48 25.64
CA LEU B 225 -10.68 18.35 26.19
C LEU B 225 -9.84 17.62 27.24
N ALA B 226 -8.53 17.58 27.06
CA ALA B 226 -7.65 16.99 28.07
C ALA B 226 -7.72 17.80 29.35
N LEU B 227 -7.53 19.12 29.25
CA LEU B 227 -7.67 19.98 30.40
C LEU B 227 -9.03 19.81 31.05
N ASN B 228 -10.08 19.78 30.24
CA ASN B 228 -11.42 19.58 30.77
C ASN B 228 -11.55 18.27 31.53
N ALA B 229 -10.85 17.22 31.09
CA ALA B 229 -10.93 15.94 31.76
C ALA B 229 -9.96 15.82 32.93
N GLY B 230 -9.31 16.91 33.30
CA GLY B 230 -8.36 16.88 34.41
C GLY B 230 -7.05 16.20 34.11
N LEU B 231 -6.49 16.42 32.92
CA LEU B 231 -5.22 15.82 32.52
C LEU B 231 -4.20 16.95 32.41
N THR B 232 -3.18 16.90 33.26
CA THR B 232 -2.21 17.99 33.38
C THR B 232 -0.79 17.48 33.22
N GLY B 233 0.15 18.42 33.10
CA GLY B 233 1.55 18.11 32.94
C GLY B 233 2.17 17.35 34.11
N GLU B 234 1.42 17.19 35.20
CA GLU B 234 1.91 16.41 36.34
C GLU B 234 1.95 14.92 36.01
N ASP B 235 1.01 14.45 35.20
CA ASP B 235 0.94 13.06 34.81
C ASP B 235 1.09 12.84 33.32
N TYR B 236 0.91 13.88 32.50
CA TYR B 236 0.91 13.72 31.06
C TYR B 236 1.89 14.69 30.42
N VAL B 237 2.20 14.41 29.16
CA VAL B 237 2.92 15.34 28.32
C VAL B 237 2.48 15.08 26.88
N PHE B 238 2.22 16.15 26.14
CA PHE B 238 1.62 16.05 24.82
C PHE B 238 2.57 16.64 23.80
N PHE B 239 3.14 15.79 22.96
CA PHE B 239 4.06 16.22 21.91
C PHE B 239 3.28 16.37 20.60
N HIS B 240 3.11 17.61 20.16
CA HIS B 240 2.56 17.84 18.83
C HIS B 240 3.66 17.58 17.81
N LEU B 241 3.45 16.59 16.95
CA LEU B 241 4.37 16.31 15.86
C LEU B 241 4.01 17.21 14.69
N ASP B 242 4.48 18.44 14.80
CA ASP B 242 4.19 19.48 13.82
C ASP B 242 5.51 19.83 13.16
N VAL B 243 5.88 19.06 12.14
CA VAL B 243 7.25 19.14 11.65
C VAL B 243 7.50 20.44 10.90
N PHE B 244 6.51 20.91 10.12
CA PHE B 244 6.66 22.14 9.36
C PHE B 244 6.16 23.36 10.11
N GLY B 245 5.91 23.20 11.40
CA GLY B 245 5.51 24.31 12.25
C GLY B 245 4.27 25.00 11.75
N GLN B 246 3.24 24.22 11.43
CA GLN B 246 2.00 24.85 11.00
C GLN B 246 1.30 25.54 12.16
N SER B 247 1.48 25.06 13.38
CA SER B 247 0.90 25.69 14.54
C SER B 247 1.69 26.91 15.02
N LEU B 248 2.78 27.28 14.32
CA LEU B 248 3.63 28.39 14.70
C LEU B 248 3.80 29.34 13.51
N LYS B 249 4.29 30.55 13.79
CA LYS B 249 4.62 31.51 12.74
C LYS B 249 6.09 31.36 12.36
N SER B 250 6.56 32.25 11.48
CA SER B 250 7.93 32.15 11.00
C SER B 250 8.91 32.59 12.08
N ALA B 251 10.13 32.07 12.01
CA ALA B 251 11.20 32.45 12.93
C ALA B 251 11.79 33.81 12.61
N GLN B 252 11.32 34.49 11.55
CA GLN B 252 11.91 35.75 11.13
C GLN B 252 11.33 36.93 11.88
N GLY B 253 10.02 37.03 11.93
CA GLY B 253 9.37 38.07 12.71
C GLY B 253 8.24 37.47 13.55
N LEU B 254 7.15 38.23 13.64
CA LEU B 254 5.95 37.80 14.35
C LEU B 254 6.28 37.29 15.76
N VAL B 255 6.96 38.14 16.52
CA VAL B 255 7.32 37.84 17.91
C VAL B 255 6.18 38.27 18.83
N PRO B 256 5.74 37.44 19.79
CA PRO B 256 6.22 36.10 20.12
C PRO B 256 5.43 34.98 19.45
N GLN B 257 5.53 33.77 19.99
CA GLN B 257 4.96 32.57 19.38
C GLN B 257 3.90 31.99 20.31
N LYS B 258 2.63 32.10 19.91
CA LYS B 258 1.52 31.57 20.70
C LYS B 258 0.62 30.69 19.83
N PRO B 259 0.66 29.38 20.01
CA PRO B 259 -0.22 28.51 19.23
C PRO B 259 -1.58 28.29 19.88
N TRP B 260 -1.66 28.46 21.21
CA TRP B 260 -2.92 28.26 21.92
C TRP B 260 -3.89 29.42 21.77
N GLU B 261 -3.40 30.59 21.37
CA GLU B 261 -4.25 31.75 21.19
C GLU B 261 -5.01 31.63 19.88
N ARG B 262 -6.34 31.76 19.94
CA ARG B 262 -7.19 31.60 18.76
C ARG B 262 -8.22 32.70 18.59
N GLY B 263 -8.43 33.56 19.57
CA GLY B 263 -9.36 34.67 19.39
C GLY B 263 -10.81 34.29 19.44
N ASP B 264 -11.16 33.32 20.29
CA ASP B 264 -12.53 32.83 20.44
C ASP B 264 -12.97 32.79 21.90
N GLY B 265 -12.34 33.58 22.77
CA GLY B 265 -12.61 33.56 24.19
C GLY B 265 -12.20 32.31 24.92
N GLN B 266 -11.92 31.22 24.19
CA GLN B 266 -11.39 30.01 24.79
C GLN B 266 -9.89 30.08 25.03
N ASP B 267 -9.24 31.15 24.55
CA ASP B 267 -7.79 31.23 24.64
C ASP B 267 -7.33 31.17 26.08
N ARG B 268 -8.12 31.73 27.00
CA ARG B 268 -7.75 31.73 28.41
C ARG B 268 -7.57 30.31 28.93
N SER B 269 -8.51 29.42 28.61
CA SER B 269 -8.36 28.03 29.01
C SER B 269 -7.29 27.32 28.18
N ALA B 270 -7.10 27.75 26.94
CA ALA B 270 -6.14 27.10 26.04
C ALA B 270 -4.71 27.23 26.56
N ARG B 271 -4.34 28.42 27.06
CA ARG B 271 -3.00 28.61 27.58
C ARG B 271 -2.69 27.61 28.67
N GLN B 272 -3.61 27.44 29.62
CA GLN B 272 -3.38 26.50 30.70
C GLN B 272 -3.28 25.07 30.17
N ALA B 273 -4.10 24.74 29.19
CA ALA B 273 -4.03 23.39 28.61
C ALA B 273 -2.66 23.15 27.99
N PHE B 274 -2.13 24.14 27.30
CA PHE B 274 -0.86 23.99 26.61
C PHE B 274 0.32 23.96 27.56
N GLN B 275 0.08 24.00 28.87
CA GLN B 275 1.17 23.85 29.81
C GLN B 275 1.69 22.42 29.81
N ALA B 276 0.86 21.44 29.46
CA ALA B 276 1.28 20.05 29.37
C ALA B 276 1.74 19.67 27.97
N ALA B 277 1.89 20.64 27.07
CA ALA B 277 2.10 20.39 25.66
C ALA B 277 3.45 20.92 25.20
N LYS B 278 4.08 20.17 24.32
CA LYS B 278 5.33 20.56 23.68
C LYS B 278 5.25 20.20 22.20
N ILE B 279 5.97 20.96 21.38
CA ILE B 279 5.88 20.85 19.92
C ILE B 279 7.22 20.39 19.38
N ILE B 280 7.20 19.37 18.52
CA ILE B 280 8.40 18.88 17.85
C ILE B 280 8.35 19.35 16.40
N THR B 281 9.33 20.14 16.01
CA THR B 281 9.41 20.65 14.65
C THR B 281 10.79 20.35 14.07
N TYR B 282 11.00 20.82 12.85
CA TYR B 282 12.33 20.78 12.28
C TYR B 282 13.14 21.97 12.78
N LYS B 283 14.43 21.98 12.47
CA LYS B 283 15.37 22.98 12.94
C LYS B 283 15.59 24.03 11.86
N GLU B 284 15.13 25.26 12.11
CA GLU B 284 15.46 26.38 11.23
C GLU B 284 16.96 26.56 11.13
N PRO B 285 17.54 26.65 9.93
CA PRO B 285 18.98 26.80 9.80
C PRO B 285 19.48 28.12 10.42
N ASP B 286 20.57 28.02 11.19
CA ASP B 286 21.13 29.17 11.88
C ASP B 286 22.05 29.99 10.99
N ASN B 287 22.68 29.35 10.02
CA ASN B 287 23.71 30.00 9.27
C ASN B 287 23.12 31.15 8.45
N PRO B 288 23.84 32.26 8.34
CA PRO B 288 23.34 33.40 7.56
C PRO B 288 23.33 33.15 6.07
N GLU B 289 23.85 32.00 5.60
CA GLU B 289 23.71 31.69 4.18
C GLU B 289 22.27 31.31 3.85
N TYR B 290 21.59 30.68 4.81
CA TYR B 290 20.17 30.40 4.66
C TYR B 290 19.40 31.69 4.43
N LEU B 291 19.63 32.69 5.29
CA LEU B 291 18.85 33.91 5.24
C LEU B 291 19.06 34.66 3.93
N GLU B 292 20.27 34.59 3.37
CA GLU B 292 20.52 35.16 2.06
C GLU B 292 19.83 34.35 0.98
N PHE B 293 19.84 33.02 1.14
CA PHE B 293 19.14 32.17 0.21
C PHE B 293 17.67 32.52 0.16
N LEU B 294 17.04 32.59 1.33
CA LEU B 294 15.63 32.99 1.38
C LEU B 294 15.41 34.28 0.62
N LYS B 295 16.29 35.26 0.84
CA LYS B 295 16.14 36.54 0.17
C LYS B 295 16.25 36.38 -1.34
N GLN B 296 17.28 35.67 -1.80
CA GLN B 296 17.36 35.46 -3.25
C GLN B 296 16.20 34.61 -3.73
N LEU B 297 15.74 33.67 -2.91
CA LEU B 297 14.66 32.79 -3.32
C LEU B 297 13.37 33.55 -3.50
N LYS B 298 13.03 34.42 -2.54
CA LYS B 298 11.77 35.15 -2.62
C LYS B 298 11.75 36.06 -3.82
N LEU B 299 12.84 36.81 -4.04
CA LEU B 299 12.94 37.67 -5.21
C LEU B 299 12.78 36.87 -6.49
N LEU B 300 13.53 35.77 -6.59
CA LEU B 300 13.53 35.02 -7.83
C LEU B 300 12.18 34.38 -8.09
N ALA B 301 11.42 34.09 -7.03
CA ALA B 301 10.12 33.45 -7.21
C ALA B 301 9.06 34.46 -7.60
N ASP B 302 9.06 35.65 -6.99
CA ASP B 302 8.15 36.71 -7.42
C ASP B 302 8.40 37.10 -8.87
N LYS B 303 9.66 37.23 -9.26
CA LYS B 303 10.00 37.75 -10.59
C LYS B 303 9.68 36.72 -11.67
N LYS B 304 10.32 35.55 -11.62
CA LYS B 304 10.23 34.58 -12.69
C LYS B 304 9.03 33.64 -12.56
N PHE B 305 8.47 33.49 -11.37
CA PHE B 305 7.41 32.51 -11.15
C PHE B 305 6.11 33.15 -10.71
N ASN B 306 6.06 34.47 -10.55
CA ASN B 306 4.82 35.14 -10.15
C ASN B 306 4.21 34.49 -8.91
N PHE B 307 5.08 34.06 -7.99
CA PHE B 307 4.68 33.45 -6.72
C PHE B 307 5.37 34.14 -5.55
N THR B 308 4.66 34.24 -4.42
CA THR B 308 5.17 34.91 -3.23
C THR B 308 5.52 33.86 -2.17
N VAL B 309 6.79 33.82 -1.76
CA VAL B 309 7.29 32.79 -0.87
C VAL B 309 7.31 33.34 0.55
N GLU B 310 6.32 32.94 1.34
CA GLU B 310 6.29 33.38 2.72
C GLU B 310 7.32 32.61 3.55
N ASP B 311 7.68 33.19 4.67
CA ASP B 311 8.71 32.61 5.52
C ASP B 311 8.14 31.45 6.32
N GLY B 312 8.99 30.47 6.58
CA GLY B 312 8.55 29.37 7.43
C GLY B 312 9.38 28.14 7.19
N LEU B 313 9.09 27.14 8.02
CA LEU B 313 9.86 25.91 7.98
C LEU B 313 9.76 25.20 6.64
N LYS B 314 8.65 25.38 5.92
CA LYS B 314 8.49 24.70 4.64
C LYS B 314 9.65 25.01 3.69
N ASN B 315 10.32 26.13 3.90
CA ASN B 315 11.33 26.62 2.97
C ASN B 315 12.63 25.82 3.00
N ILE B 316 12.81 24.90 3.96
CA ILE B 316 13.98 24.03 3.90
C ILE B 316 13.85 22.95 2.85
N ILE B 317 12.66 22.76 2.29
CA ILE B 317 12.47 21.78 1.21
C ILE B 317 13.08 22.35 -0.06
N PRO B 318 12.67 23.54 -0.53
CA PRO B 318 13.40 24.12 -1.67
C PRO B 318 14.88 24.33 -1.36
N ALA B 319 15.21 24.74 -0.14
CA ALA B 319 16.61 24.89 0.23
C ALA B 319 17.37 23.59 0.06
N SER B 320 16.75 22.47 0.40
CA SER B 320 17.42 21.18 0.29
C SER B 320 17.43 20.67 -1.14
N PHE B 321 16.42 21.03 -1.94
CA PHE B 321 16.56 20.77 -3.37
C PHE B 321 17.73 21.55 -3.94
N HIS B 322 17.91 22.81 -3.51
CA HIS B 322 19.05 23.59 -3.93
C HIS B 322 20.35 22.87 -3.58
N ASP B 323 20.54 22.57 -2.29
CA ASP B 323 21.78 21.94 -1.83
C ASP B 323 21.98 20.57 -2.47
N GLY B 324 20.91 19.74 -2.53
CA GLY B 324 21.04 18.43 -3.14
C GLY B 324 21.50 18.47 -4.58
N LEU B 325 21.02 19.46 -5.32
CA LEU B 325 21.46 19.62 -6.71
C LEU B 325 22.91 20.05 -6.77
N LEU B 326 23.35 20.89 -5.82
CA LEU B 326 24.78 21.20 -5.75
C LEU B 326 25.58 19.96 -5.40
N LEU B 327 25.05 19.14 -4.47
CA LEU B 327 25.73 17.91 -4.07
C LEU B 327 25.99 17.00 -5.27
N TYR B 328 25.05 16.97 -6.21
CA TYR B 328 25.16 16.09 -7.37
C TYR B 328 26.18 16.62 -8.38
N VAL B 329 26.09 17.91 -8.71
CA VAL B 329 27.05 18.50 -9.63
C VAL B 329 28.48 18.32 -9.13
N GLN B 330 28.68 18.51 -7.82
CA GLN B 330 29.95 18.16 -7.20
C GLN B 330 30.39 16.76 -7.59
N ALA B 331 29.55 15.77 -7.28
CA ALA B 331 29.91 14.38 -7.51
C ALA B 331 30.08 14.07 -8.99
N VAL B 332 29.26 14.66 -9.86
CA VAL B 332 29.44 14.42 -11.29
C VAL B 332 30.76 15.02 -11.78
N THR B 333 31.07 16.25 -11.35
CA THR B 333 32.39 16.77 -11.63
C THR B 333 33.46 15.81 -11.11
N GLU B 334 33.30 15.33 -9.86
CA GLU B 334 34.25 14.37 -9.30
C GLU B 334 34.33 13.10 -10.15
N THR B 335 33.20 12.65 -10.67
CA THR B 335 33.20 11.43 -11.47
C THR B 335 33.82 11.66 -12.83
N LEU B 336 33.56 12.82 -13.45
CA LEU B 336 34.22 13.13 -14.71
C LEU B 336 35.72 13.26 -14.52
N ALA B 337 36.14 13.75 -13.34
CA ALA B 337 37.54 14.02 -13.04
C ALA B 337 38.37 12.76 -12.89
N GLN B 338 37.74 11.63 -12.56
CA GLN B 338 38.42 10.34 -12.48
C GLN B 338 38.00 9.43 -13.61
N GLY B 339 37.82 10.00 -14.80
CA GLY B 339 37.59 9.25 -16.01
C GLY B 339 36.20 8.70 -16.19
N GLY B 340 35.28 8.94 -15.24
CA GLY B 340 33.93 8.43 -15.34
C GLY B 340 33.00 9.37 -16.09
N THR B 341 31.83 8.85 -16.43
CA THR B 341 30.83 9.62 -17.18
C THR B 341 29.70 10.03 -16.26
N VAL B 342 28.86 10.95 -16.77
CA VAL B 342 27.71 11.41 -16.02
C VAL B 342 26.66 10.33 -15.81
N THR B 343 26.78 9.21 -16.52
CA THR B 343 25.83 8.11 -16.44
C THR B 343 26.26 7.03 -15.45
N ASP B 344 27.42 7.19 -14.82
CA ASP B 344 27.91 6.24 -13.82
C ASP B 344 27.15 6.47 -12.51
N GLY B 345 25.84 6.22 -12.58
CA GLY B 345 24.97 6.51 -11.46
C GLY B 345 25.47 5.91 -10.16
N GLU B 346 25.94 4.68 -10.22
CA GLU B 346 26.38 4.03 -8.99
C GLU B 346 27.60 4.73 -8.43
N ASN B 347 28.59 5.05 -9.27
CA ASN B 347 29.74 5.81 -8.80
C ASN B 347 29.32 7.19 -8.29
N ILE B 348 28.51 7.90 -9.09
CA ILE B 348 28.05 9.23 -8.71
C ILE B 348 27.34 9.20 -7.37
N THR B 349 26.39 8.27 -7.21
CA THR B 349 25.59 8.22 -5.99
C THR B 349 26.43 7.89 -4.77
N GLN B 350 27.39 6.97 -4.92
CA GLN B 350 28.23 6.58 -3.79
C GLN B 350 29.14 7.71 -3.33
N ARG B 351 29.51 8.61 -4.25
CA ARG B 351 30.18 9.83 -3.82
C ARG B 351 29.26 10.65 -2.93
N MET B 352 27.99 10.79 -3.32
CA MET B 352 27.04 11.60 -2.56
C MET B 352 26.70 10.96 -1.23
N TRP B 353 26.74 9.65 -1.17
CA TRP B 353 26.38 8.94 0.04
C TRP B 353 27.59 8.89 0.96
N ASN B 354 27.29 8.87 2.26
CA ASN B 354 28.29 8.96 3.30
C ASN B 354 29.26 10.11 3.01
N ARG B 355 28.76 11.32 3.29
CA ARG B 355 29.47 12.51 2.85
C ARG B 355 28.82 13.72 3.50
N SER B 356 29.62 14.52 4.18
CA SER B 356 29.16 15.79 4.69
C SER B 356 29.30 16.85 3.59
N PHE B 357 28.46 17.87 3.69
CA PHE B 357 28.42 18.89 2.65
C PHE B 357 28.00 20.20 3.29
N GLN B 358 28.45 21.31 2.68
CA GLN B 358 28.16 22.65 3.18
C GLN B 358 27.34 23.38 2.13
N GLY B 359 26.05 23.55 2.42
CA GLY B 359 25.12 24.19 1.52
C GLY B 359 24.34 25.28 2.22
N VAL B 360 23.37 25.89 1.52
CA VAL B 360 22.62 26.99 2.10
C VAL B 360 22.00 26.60 3.44
N THR B 361 21.73 25.31 3.65
CA THR B 361 21.22 24.86 4.95
C THR B 361 22.33 24.57 5.94
N GLY B 362 23.56 24.93 5.62
CA GLY B 362 24.64 24.74 6.57
C GLY B 362 25.20 23.34 6.46
N TYR B 363 25.43 22.73 7.60
CA TYR B 363 25.98 21.38 7.63
C TYR B 363 24.86 20.38 7.36
N LEU B 364 25.06 19.56 6.34
CA LEU B 364 24.15 18.47 6.02
C LEU B 364 24.96 17.21 5.80
N LYS B 365 24.51 16.09 6.34
CA LYS B 365 25.22 14.82 6.26
C LYS B 365 24.31 13.78 5.59
N ILE B 366 24.71 13.34 4.40
CA ILE B 366 24.09 12.20 3.74
C ILE B 366 24.61 10.92 4.40
N ASP B 367 23.73 10.19 5.10
CA ASP B 367 24.15 9.02 5.84
C ASP B 367 24.52 7.87 4.88
N ARG B 368 24.95 6.75 5.47
CA ARG B 368 25.34 5.56 4.71
C ARG B 368 24.22 5.06 3.82
N ASN B 369 22.97 5.38 4.16
CA ASN B 369 21.83 4.93 3.40
C ASN B 369 21.49 5.81 2.21
N GLY B 370 21.95 7.05 2.21
CA GLY B 370 21.54 8.02 1.21
C GLY B 370 20.44 8.95 1.65
N ASP B 371 20.31 9.19 2.95
CA ASP B 371 19.28 10.06 3.50
C ASP B 371 19.94 11.14 4.35
N ARG B 372 19.68 12.40 4.01
CA ARG B 372 20.12 13.52 4.84
C ARG B 372 19.70 13.32 6.29
N ASP B 373 20.64 13.52 7.21
CA ASP B 373 20.30 13.52 8.62
C ASP B 373 19.39 14.72 8.90
N THR B 374 18.47 14.53 9.82
CA THR B 374 17.44 15.52 10.09
C THR B 374 17.65 16.07 11.49
N ASP B 375 17.74 17.39 11.60
CA ASP B 375 17.88 18.08 12.87
C ASP B 375 16.51 18.58 13.34
N PHE B 376 16.19 18.36 14.61
CA PHE B 376 14.89 18.71 15.16
C PHE B 376 15.02 19.74 16.26
N SER B 377 13.94 20.49 16.46
CA SER B 377 13.85 21.48 17.52
C SER B 377 12.66 21.12 18.40
N LEU B 378 12.81 21.32 19.70
CA LEU B 378 11.73 21.09 20.64
C LEU B 378 11.29 22.43 21.21
N TRP B 379 10.00 22.71 21.15
CA TRP B 379 9.43 23.96 21.63
C TRP B 379 8.65 23.73 22.90
N ASP B 380 8.69 24.72 23.79
CA ASP B 380 8.06 24.63 25.09
C ASP B 380 7.52 25.98 25.49
N MET B 381 6.53 25.95 26.38
CA MET B 381 5.89 27.16 26.84
C MET B 381 6.66 27.77 28.00
N ASP B 382 7.01 29.04 27.86
CA ASP B 382 7.54 29.80 28.99
C ASP B 382 6.40 30.08 29.95
N PRO B 383 6.35 29.43 31.12
CA PRO B 383 5.20 29.61 32.01
C PRO B 383 4.95 31.05 32.38
N GLU B 384 5.96 31.92 32.24
CA GLU B 384 5.78 33.33 32.56
C GLU B 384 4.81 33.99 31.60
N THR B 385 5.17 34.09 30.33
CA THR B 385 4.36 34.76 29.32
C THR B 385 3.32 33.86 28.69
N GLY B 386 3.59 32.56 28.60
CA GLY B 386 2.74 31.64 27.89
C GLY B 386 3.18 31.35 26.47
N ALA B 387 4.14 32.11 25.94
CA ALA B 387 4.62 31.90 24.59
C ALA B 387 5.58 30.71 24.51
N PHE B 388 5.71 30.17 23.30
CA PHE B 388 6.56 29.01 23.07
C PHE B 388 7.90 29.45 22.50
N ARG B 389 8.94 28.68 22.83
CA ARG B 389 10.29 29.01 22.40
C ARG B 389 11.10 27.71 22.41
N VAL B 390 12.15 27.69 21.60
CA VAL B 390 12.94 26.48 21.48
C VAL B 390 13.75 26.29 22.75
N VAL B 391 13.65 25.09 23.33
CA VAL B 391 14.39 24.75 24.53
C VAL B 391 15.36 23.60 24.31
N LEU B 392 15.19 22.80 23.26
CA LEU B 392 16.11 21.71 22.98
C LEU B 392 16.40 21.69 21.50
N ASN B 393 17.56 21.13 21.16
CA ASN B 393 17.94 20.97 19.77
C ASN B 393 18.63 19.63 19.61
N TYR B 394 18.31 18.96 18.52
CA TYR B 394 18.80 17.61 18.25
C TYR B 394 19.65 17.67 16.99
N ASN B 395 20.95 17.62 17.15
CA ASN B 395 21.84 17.45 16.01
C ASN B 395 21.64 16.03 15.48
N GLY B 396 21.21 15.92 14.22
CA GLY B 396 20.84 14.62 13.71
C GLY B 396 22.03 13.74 13.36
N THR B 397 23.12 14.36 12.93
CA THR B 397 24.33 13.60 12.65
C THR B 397 24.96 13.08 13.93
N SER B 398 24.93 13.88 15.00
CA SER B 398 25.52 13.52 16.27
C SER B 398 24.54 12.91 17.27
N GLN B 399 23.24 13.08 17.05
CA GLN B 399 22.21 12.54 17.95
C GLN B 399 22.38 13.07 19.37
N GLU B 400 22.64 14.38 19.47
CA GLU B 400 22.84 15.03 20.75
C GLU B 400 21.76 16.05 21.01
N LEU B 401 21.17 15.99 22.19
CA LEU B 401 20.20 16.97 22.63
C LEU B 401 20.93 18.08 23.39
N MET B 402 20.93 19.27 22.82
CA MET B 402 21.63 20.42 23.37
C MET B 402 20.62 21.49 23.75
N ALA B 403 20.76 22.04 24.96
CA ALA B 403 19.84 23.08 25.41
C ALA B 403 20.02 24.36 24.60
N VAL B 404 18.95 25.15 24.52
CA VAL B 404 18.88 26.30 23.63
C VAL B 404 18.75 27.56 24.47
N SER B 405 19.73 28.47 24.32
CA SER B 405 19.73 29.76 25.02
C SER B 405 19.53 29.58 26.53
N GLU B 406 20.11 28.52 27.08
CA GLU B 406 20.06 28.22 28.51
C GLU B 406 18.63 28.08 29.02
N HIS B 407 17.74 27.58 28.19
CA HIS B 407 16.34 27.42 28.57
C HIS B 407 16.11 26.05 29.19
N LYS B 408 15.16 26.00 30.12
CA LYS B 408 14.82 24.78 30.81
C LYS B 408 13.45 24.30 30.34
N LEU B 409 13.36 23.01 30.04
CA LEU B 409 12.09 22.41 29.65
C LEU B 409 11.10 22.51 30.81
N TYR B 410 10.08 23.34 30.66
CA TYR B 410 9.10 23.52 31.73
C TYR B 410 8.40 22.21 32.04
N TRP B 411 8.35 21.86 33.32
CA TRP B 411 7.62 20.72 33.83
C TRP B 411 6.82 21.18 35.05
N PRO B 412 5.52 20.90 35.12
CA PRO B 412 4.75 21.30 36.31
C PRO B 412 5.27 20.65 37.59
N LEU B 413 5.90 19.49 37.48
CA LEU B 413 6.38 18.73 38.63
C LEU B 413 7.86 18.96 38.93
N GLY B 414 8.51 19.86 38.20
CA GLY B 414 9.95 20.00 38.29
C GLY B 414 10.75 18.97 37.51
N TYR B 415 10.13 17.85 37.12
CA TYR B 415 10.77 16.84 36.30
C TYR B 415 9.70 16.16 35.45
N PRO B 416 10.09 15.52 34.35
CA PRO B 416 9.11 14.84 33.50
C PRO B 416 8.31 13.81 34.27
N PRO B 417 7.00 13.73 34.05
CA PRO B 417 6.20 12.68 34.67
C PRO B 417 6.58 11.32 34.11
N PRO B 418 6.32 10.24 34.85
CA PRO B 418 6.75 8.92 34.39
C PRO B 418 5.81 8.37 33.33
N ASP B 419 6.40 7.64 32.38
CA ASP B 419 5.62 7.10 31.27
C ASP B 419 4.60 6.07 31.72
N VAL B 420 4.70 5.59 32.96
CA VAL B 420 3.72 4.67 33.51
C VAL B 420 3.24 5.28 34.82
N PRO B 421 1.94 5.18 35.16
CA PRO B 421 1.45 5.76 36.42
C PRO B 421 1.84 4.94 37.64
N LYS B 422 1.11 5.13 38.74
CA LYS B 422 1.44 4.47 40.01
C LYS B 422 1.13 2.98 39.98
N CYS B 423 -0.07 2.60 40.41
CA CYS B 423 -0.48 1.20 40.47
C CYS B 423 -1.21 0.82 39.19
N GLY B 424 -0.46 0.86 38.09
CA GLY B 424 -0.99 0.55 36.77
C GLY B 424 -1.89 1.65 36.25
N PHE B 425 -2.32 1.48 35.00
CA PHE B 425 -3.24 2.42 34.40
C PHE B 425 -4.66 2.29 34.95
N ASP B 426 -4.94 1.25 35.75
CA ASP B 426 -6.26 1.07 36.33
C ASP B 426 -6.46 1.93 37.57
N ARG C 1 -9.09 -1.15 12.99
N ARG C 1 1.02 -5.77 14.82
CA ARG C 1 -8.89 -2.38 12.28
CA ARG C 1 1.08 -4.33 14.74
C ARG C 1 -7.52 -2.95 12.66
C ARG C 1 -0.35 -3.78 14.56
N SER C 2 -6.52 -2.57 11.82
N SER C 2 -0.71 -3.62 13.28
CA SER C 2 -5.12 -2.95 11.87
CA SER C 2 -1.98 -3.12 12.77
C SER C 2 -4.28 -1.74 11.51
C SER C 2 -2.37 -3.93 11.55
N SER C 3 -3.06 -1.70 11.99
N SER C 3 -3.66 -3.98 11.28
CA SER C 3 -2.17 -0.62 11.61
CA SER C 3 -4.11 -4.68 10.08
C SER C 3 -1.04 -1.21 10.78
C SER C 3 -4.72 -3.63 9.15
N CYS C 4 -1.14 -1.02 9.46
N CYS C 4 -3.95 -3.27 8.11
CA CYS C 4 -0.23 -1.66 8.52
CA CYS C 4 -4.32 -2.18 7.23
C CYS C 4 0.99 -0.76 8.40
C CYS C 4 -5.20 -2.75 6.14
N PHE C 5 2.12 -1.23 8.94
N PHE C 5 -6.49 -2.40 6.16
CA PHE C 5 3.35 -0.45 8.95
CA PHE C 5 -7.46 -2.94 5.22
C PHE C 5 4.41 -1.21 8.17
C PHE C 5 -8.07 -1.78 4.44
N GLY C 6 4.96 -0.57 7.15
N GLY C 6 -7.96 -1.85 3.12
CA GLY C 6 5.97 -1.19 6.32
CA GLY C 6 -8.47 -0.79 2.28
C GLY C 6 5.41 -2.03 5.20
C GLY C 6 -7.50 0.34 2.06
N GLY C 7 4.10 -2.04 5.01
N GLY C 7 -6.28 0.26 2.59
CA GLY C 7 3.51 -2.89 3.99
CA GLY C 7 -5.34 1.35 2.49
C GLY C 7 3.37 -2.20 2.65
C GLY C 7 -4.47 1.29 1.27
N ARG C 8 4.50 -1.91 2.02
N ARG C 8 -5.08 1.47 0.10
CA ARG C 8 4.55 -1.29 0.70
CA ARG C 8 -4.37 1.48 -1.18
C ARG C 8 3.92 0.09 0.69
C ARG C 8 -3.68 0.16 -1.45
N ILE C 9 4.08 0.78 -0.42
N ILE C 9 -3.15 0.05 -2.66
CA ILE C 9 3.57 2.13 -0.59
CA ILE C 9 -2.48 -1.14 -3.13
C ILE C 9 2.67 2.06 -1.83
C ILE C 9 -1.11 -0.67 -3.56
N ASP C 10 1.43 1.68 -1.62
N ASP C 10 -0.17 -0.61 -2.62
CA ASP C 10 0.45 1.71 -2.70
CA ASP C 10 1.21 -0.32 -2.95
C ASP C 10 -0.93 1.63 -2.06
C ASP C 10 2.05 -0.72 -1.74
N ARG C 11 -1.85 2.47 -2.53
N ARG C 11 3.18 -1.37 -2.00
CA ARG C 11 -3.21 2.51 -2.04
CA ARG C 11 4.10 -1.80 -0.96
C ARG C 11 -3.98 1.24 -2.36
C ARG C 11 4.78 -0.64 -0.26
N ILE C 12 -3.31 0.14 -2.68
N ILE C 12 4.24 0.58 -0.35
CA ILE C 12 -3.97 -1.13 -2.93
CA ILE C 12 4.79 1.73 0.34
C ILE C 12 -3.61 -2.17 -1.88
C ILE C 12 3.84 2.27 1.40
N GLY C 13 -2.34 -2.24 -1.49
N GLY C 13 2.55 2.34 1.09
CA GLY C 13 -1.90 -3.25 -0.56
CA GLY C 13 1.58 2.88 2.01
C GLY C 13 -1.61 -2.68 0.81
C GLY C 13 0.69 1.82 2.61
N ALA C 14 -2.45 -1.76 1.25
N ALA C 14 1.28 0.69 2.96
CA ALA C 14 -2.24 -1.09 2.52
CA ALA C 14 0.54 -0.42 3.51
C ALA C 14 -3.57 -0.97 3.24
C ALA C 14 1.32 -1.03 4.68
N CYS C 15 -3.49 -0.64 4.51
N CYS C 15 0.63 -1.87 5.44
CA CYS C 15 -4.68 -0.45 5.33
CA CYS C 15 1.24 -2.56 6.56
C CYS C 15 -4.51 0.81 6.17
C CYS C 15 0.79 -4.01 6.58
C1 NAG D . 8.24 -17.97 -10.84
C2 NAG D . 9.71 -17.89 -10.40
C3 NAG D . 9.91 -18.43 -8.98
C4 NAG D . 8.92 -17.80 -8.02
C5 NAG D . 7.51 -18.00 -8.54
C6 NAG D . 6.44 -17.41 -7.64
C7 NAG D . 10.95 -18.14 -12.51
C8 NAG D . 11.81 -19.06 -13.33
N2 NAG D . 10.55 -18.62 -11.32
O3 NAG D . 11.25 -18.16 -8.60
O4 NAG D . 9.04 -18.43 -6.74
O5 NAG D . 7.39 -17.38 -9.81
O6 NAG D . 6.04 -16.12 -8.04
O7 NAG D . 10.61 -17.04 -12.91
C1 NAG D . 9.48 -17.76 -5.63
C2 NAG D . 9.72 -18.45 -4.29
C3 NAG D . 10.11 -17.44 -3.22
C4 NAG D . 11.31 -16.63 -3.71
C5 NAG D . 11.02 -16.03 -5.09
C6 NAG D . 12.20 -15.31 -5.70
C7 NAG D . 8.25 -20.39 -4.43
C8 NAG D . 7.01 -21.06 -3.91
N2 NAG D . 8.54 -19.21 -3.89
O3 NAG D . 10.43 -18.11 -2.01
O4 NAG D . 11.57 -15.59 -2.77
O5 NAG D . 10.65 -17.07 -6.00
O6 NAG D . 12.13 -15.27 -7.11
O7 NAG D . 8.96 -20.91 -5.28
C1 MAN D . 12.75 -15.16 -2.21
C2 MAN D . 12.86 -15.48 -0.72
C3 MAN D . 13.77 -14.43 -0.02
C4 MAN D . 14.73 -13.72 -1.01
C5 MAN D . 13.92 -12.96 -2.05
C6 MAN D . 14.75 -12.49 -3.25
O2 MAN D . 13.47 -16.76 -0.52
O3 MAN D . 14.51 -15.01 1.03
O4 MAN D . 15.57 -12.80 -0.32
O5 MAN D . 12.78 -13.77 -2.53
O6 MAN D . 15.60 -13.57 -3.67
C1 NAG E . -27.33 -19.33 -10.66
C2 NAG E . -27.62 -20.27 -11.84
C3 NAG E . -27.88 -19.44 -13.10
C4 NAG E . -29.01 -18.46 -12.86
C5 NAG E . -28.65 -17.57 -11.67
C6 NAG E . -29.73 -16.56 -11.31
C7 NAG E . -26.48 -22.42 -11.50
C8 NAG E . -25.31 -23.27 -11.86
N2 NAG E . -26.55 -21.22 -12.08
O3 NAG E . -28.15 -20.31 -14.21
O4 NAG E . -29.23 -17.65 -14.00
O5 NAG E . -28.42 -18.39 -10.51
O6 NAG E . -31.03 -16.97 -11.68
O7 NAG E . -27.34 -22.79 -10.69
C1 NAG E . -30.39 -17.90 -14.70
C2 NAG E . -31.11 -16.65 -15.21
C3 NAG E . -32.37 -17.04 -15.97
C4 NAG E . -32.08 -18.08 -17.04
C5 NAG E . -31.31 -19.26 -16.43
C6 NAG E . -30.87 -20.28 -17.46
C7 NAG E . -31.14 -14.44 -14.13
C8 NAG E . -31.54 -13.68 -12.91
N2 NAG E . -31.42 -15.75 -14.12
O3 NAG E . -32.94 -15.87 -16.56
O4 NAG E . -33.29 -18.56 -17.61
O5 NAG E . -30.13 -18.79 -15.79
O6 NAG E . -29.62 -20.85 -17.09
O7 NAG E . -30.58 -13.90 -15.09
C1 MAN E . -33.83 -17.95 -18.72
C2 MAN E . -34.30 -18.93 -19.81
C3 MAN E . -34.69 -18.18 -21.12
C4 MAN E . -34.79 -16.64 -20.90
C5 MAN E . -33.43 -16.15 -20.41
C6 MAN E . -33.36 -14.64 -20.18
O2 MAN E . -35.47 -19.66 -19.37
O3 MAN E . -35.88 -18.68 -21.70
O4 MAN E . -35.13 -15.95 -22.10
O5 MAN E . -33.06 -16.82 -19.16
O6 MAN E . -34.35 -14.24 -19.25
C1 MAN E . -35.93 -19.39 -22.88
C2 MAN E . -37.35 -19.28 -23.46
C3 MAN E . -38.26 -20.37 -22.87
C4 MAN E . -37.59 -21.77 -22.96
C5 MAN E . -36.20 -21.73 -22.30
C6 MAN E . -35.44 -23.04 -22.42
O2 MAN E . -37.35 -19.49 -24.89
O3 MAN E . -39.55 -20.38 -23.47
O4 MAN E . -38.39 -22.74 -22.32
O5 MAN E . -35.40 -20.71 -22.93
O6 MAN E . -34.20 -22.90 -21.76
C1 NAG F . -3.68 21.70 -4.70
C2 NAG F . -5.15 21.67 -5.17
C3 NAG F . -6.10 21.61 -3.98
C4 NAG F . -5.73 20.51 -3.02
C5 NAG F . -4.28 20.68 -2.59
C6 NAG F . -3.79 19.64 -1.61
C7 NAG F . -5.08 22.95 -7.27
C8 NAG F . -5.46 24.23 -7.94
N2 NAG F . -5.44 22.83 -5.99
O3 NAG F . -7.42 21.44 -4.46
O4 NAG F . -6.56 20.58 -1.87
O5 NAG F . -3.44 20.63 -3.75
O6 NAG F . -3.08 18.58 -2.23
O7 NAG F . -4.46 22.06 -7.85
C1 NAG F . -7.34 19.50 -1.53
C2 NAG F . -8.31 19.57 -0.37
C3 NAG F . -9.04 18.24 -0.20
C4 NAG F . -9.68 17.83 -1.52
C5 NAG F . -8.65 17.87 -2.64
C6 NAG F . -9.23 17.60 -4.01
C7 NAG F . -7.28 21.22 1.09
C8 NAG F . -6.58 21.47 2.38
N2 NAG F . -7.63 19.96 0.85
O3 NAG F . -10.02 18.35 0.83
O4 NAG F . -10.22 16.51 -1.38
O5 NAG F . -8.04 19.17 -2.70
O6 NAG F . -8.52 18.28 -5.04
O7 NAG F . -7.53 22.12 0.29
C1 MAN F . -11.49 16.13 -1.71
C2 MAN F . -12.40 15.81 -0.52
C3 MAN F . -13.43 14.73 -0.89
C4 MAN F . -13.66 14.62 -2.42
C5 MAN F . -12.33 14.23 -3.10
C6 MAN F . -12.36 14.39 -4.63
O2 MAN F . -13.14 16.98 -0.11
O3 MAN F . -14.67 14.96 -0.25
O4 MAN F . -14.63 13.63 -2.72
O5 MAN F . -11.21 15.00 -2.55
O6 MAN F . -12.99 15.62 -4.96
C1 NAG G . 26.24 18.52 14.31
C2 NAG G . 27.02 19.82 13.98
C3 NAG G . 27.95 19.58 12.80
C4 NAG G . 28.89 18.41 13.10
C5 NAG G . 28.07 17.17 13.43
C6 NAG G . 28.90 15.96 13.78
C7 NAG G . 25.48 21.62 14.65
C8 NAG G . 24.62 22.74 14.17
N2 NAG G . 26.12 20.93 13.70
O3 NAG G . 28.65 20.78 12.49
O4 NAG G . 29.75 18.16 12.00
O5 NAG G . 27.20 17.44 14.55
O6 NAG G . 30.11 16.27 14.44
O7 NAG G . 25.59 21.34 15.85
C1 NAG G . 31.06 18.52 12.22
C2 NAG G . 32.10 17.52 11.69
C3 NAG G . 33.50 18.04 11.95
C4 NAG G . 33.68 19.45 11.42
C5 NAG G . 32.57 20.35 11.97
C6 NAG G . 32.58 21.75 11.40
C7 NAG G . 31.76 15.09 11.59
C8 NAG G . 31.58 13.84 12.40
N2 NAG G . 31.91 16.22 12.29
O3 NAG G . 34.45 17.16 11.34
O4 NAG G . 34.94 19.98 11.80
O5 NAG G . 31.28 19.80 11.65
O6 NAG G . 31.27 22.28 11.33
O7 NAG G . 31.77 15.09 10.36
C1 MAN G . 36.06 19.84 11.00
C2 MAN G . 36.90 21.13 10.88
C3 MAN G . 37.97 21.00 9.76
C4 MAN G . 38.15 19.52 9.31
C5 MAN G . 36.82 19.01 8.77
C6 MAN G . 36.84 17.54 8.31
O2 MAN G . 37.59 21.41 12.12
O3 MAN G . 39.21 21.61 10.11
O4 MAN G . 39.14 19.41 8.27
O5 MAN G . 35.77 19.15 9.79
O6 MAN G . 37.32 16.71 9.37
C1 MAN G . 39.77 22.73 9.54
C2 MAN G . 41.30 22.74 9.79
C3 MAN G . 41.61 23.31 11.18
C4 MAN G . 40.89 24.67 11.40
C5 MAN G . 39.37 24.49 11.17
C6 MAN G . 38.59 25.79 11.28
O2 MAN G . 41.97 23.59 8.83
O3 MAN G . 43.01 23.45 11.39
O4 MAN G . 41.11 25.14 12.72
O5 MAN G . 39.15 23.97 9.84
O6 MAN G . 37.21 25.53 11.04
CL CL H . 0.49 -10.50 -13.87
CL CL I . 5.19 15.33 -6.07
#